data_1F0K
#
_entry.id   1F0K
#
_cell.length_a   60.613
_cell.length_b   66.356
_cell.length_c   67.902
_cell.angle_alpha   64.29
_cell.angle_beta   83.52
_cell.angle_gamma   65.45
#
_symmetry.space_group_name_H-M   'P 1'
#
loop_
_entity.id
_entity.type
_entity.pdbx_description
1 polymer 'UDP-N-ACETYLGLUCOSAMINE-N-ACETYLMURAMYL-(PENTAPEPTIDE) PYROPHOSPHORYL-UNDECAPRENOL N-ACETYLGLUCOSAMINE TRANSFERASE'
2 non-polymer 'SULFATE ION'
3 water water
#
_entity_poly.entity_id   1
_entity_poly.type   'polypeptide(L)'
_entity_poly.pdbx_seq_one_letter_code
;MMSGQGKRLMVMAGGTGGHVFPGLAVAHHLMAQGWQVRWLGTADRMEADLVPKHGIEIDFIRISGLRGKGIKALIAAPLR
IFNAWRQARAIMKAYKPDVVLGMGGYVSGPGGLAAWSLGIPVVLHEQNGIAGLTNKWLAKIATKVMQAFPGAFPNAEVVG
NPVRTDVLALPLPQQRLAGREGPVRVLVVGGSQGARILNQTMPQVAAKLGDSVTIWHQSGKGSQQSVEQAYAEAGQPQHK
VTEFIDDMAAAYAWADVVVCRSGALTVSEIAAAGLPALFVPFQHKDRQQYWNALPLEKAGAAKIIEQPQLSVDAVANTLA
GWSRETLLTMAERARAASIPDATERVANEVSRVARALEHHHHHH
;
_entity_poly.pdbx_strand_id   A,B
#
# COMPACT_ATOMS: atom_id res chain seq x y z
N LYS A 7 45.19 -1.98 -20.62
CA LYS A 7 44.49 -0.66 -20.62
C LYS A 7 44.07 -0.24 -19.22
N ARG A 8 44.70 0.83 -18.72
CA ARG A 8 44.42 1.34 -17.39
C ARG A 8 43.63 2.65 -17.45
N LEU A 9 42.53 2.70 -16.70
CA LEU A 9 41.70 3.90 -16.65
C LEU A 9 41.56 4.40 -15.22
N MET A 10 41.59 5.71 -15.06
CA MET A 10 41.36 6.28 -13.73
C MET A 10 40.12 7.15 -13.86
N VAL A 11 39.12 6.87 -13.05
CA VAL A 11 37.90 7.66 -13.09
C VAL A 11 37.96 8.65 -11.94
N MET A 12 37.59 9.90 -12.22
CA MET A 12 37.61 10.95 -11.20
C MET A 12 36.18 11.47 -11.07
N ALA A 13 35.52 11.13 -9.97
CA ALA A 13 34.14 11.56 -9.78
C ALA A 13 33.86 11.89 -8.30
N GLY A 14 33.29 13.08 -8.09
CA GLY A 14 33.00 13.59 -6.76
C GLY A 14 31.92 13.02 -5.87
N GLY A 15 31.75 13.68 -4.73
CA GLY A 15 30.78 13.27 -3.71
C GLY A 15 29.29 13.42 -3.94
N THR A 16 28.80 12.85 -5.04
CA THR A 16 27.36 12.87 -5.34
C THR A 16 27.12 11.67 -6.25
N GLY A 17 25.97 11.02 -6.07
CA GLY A 17 25.65 9.88 -6.90
C GLY A 17 25.57 10.32 -8.34
N GLY A 18 25.23 11.59 -8.52
CA GLY A 18 25.12 12.14 -9.85
C GLY A 18 26.36 11.89 -10.67
N HIS A 19 27.54 12.08 -10.07
CA HIS A 19 28.79 11.85 -10.78
C HIS A 19 29.30 10.42 -10.63
N VAL A 20 29.18 9.88 -9.43
CA VAL A 20 29.68 8.54 -9.14
C VAL A 20 28.98 7.39 -9.87
N PHE A 21 27.66 7.38 -9.86
CA PHE A 21 26.91 6.30 -10.50
C PHE A 21 27.26 6.11 -11.98
N PRO A 22 27.26 7.20 -12.77
CA PRO A 22 27.58 7.06 -14.20
C PRO A 22 29.02 6.59 -14.37
N GLY A 23 29.89 7.05 -13.48
CA GLY A 23 31.29 6.66 -13.54
C GLY A 23 31.46 5.17 -13.31
N LEU A 24 30.68 4.62 -12.38
CA LEU A 24 30.75 3.19 -12.08
C LEU A 24 30.26 2.36 -13.27
N ALA A 25 29.28 2.89 -13.98
CA ALA A 25 28.75 2.17 -15.14
C ALA A 25 29.83 2.04 -16.20
N VAL A 26 30.54 3.14 -16.47
CA VAL A 26 31.60 3.12 -17.48
C VAL A 26 32.76 2.25 -17.00
N ALA A 27 33.05 2.29 -15.71
CA ALA A 27 34.11 1.48 -15.16
C ALA A 27 33.83 -0.02 -15.37
N HIS A 28 32.68 -0.48 -14.87
CA HIS A 28 32.28 -1.88 -14.99
C HIS A 28 32.27 -2.33 -16.44
N HIS A 29 31.74 -1.48 -17.31
CA HIS A 29 31.66 -1.78 -18.72
C HIS A 29 33.04 -2.07 -19.32
N LEU A 30 34.05 -1.28 -18.95
CA LEU A 30 35.39 -1.47 -19.49
C LEU A 30 36.15 -2.60 -18.79
N MET A 31 35.91 -2.80 -17.50
CA MET A 31 36.59 -3.87 -16.78
C MET A 31 36.18 -5.22 -17.36
N ALA A 32 34.94 -5.31 -17.82
CA ALA A 32 34.42 -6.55 -18.40
C ALA A 32 35.04 -6.76 -19.78
N GLN A 33 35.93 -5.85 -20.17
CA GLN A 33 36.57 -5.98 -21.47
C GLN A 33 38.08 -5.97 -21.33
N GLY A 34 38.55 -6.35 -20.14
CA GLY A 34 39.98 -6.40 -19.91
C GLY A 34 40.62 -5.17 -19.30
N TRP A 35 39.88 -4.06 -19.23
CA TRP A 35 40.43 -2.82 -18.68
C TRP A 35 40.64 -2.85 -17.17
N GLN A 36 41.71 -2.19 -16.75
CA GLN A 36 42.03 -2.05 -15.33
C GLN A 36 41.50 -0.66 -14.98
N VAL A 37 40.75 -0.56 -13.88
CA VAL A 37 40.20 0.72 -13.47
C VAL A 37 40.54 1.04 -12.03
N ARG A 38 40.83 2.32 -11.79
CA ARG A 38 41.17 2.82 -10.47
C ARG A 38 40.36 4.10 -10.29
N TRP A 39 40.00 4.42 -9.06
CA TRP A 39 39.20 5.60 -8.81
C TRP A 39 40.01 6.70 -8.11
N LEU A 40 39.61 7.95 -8.32
CA LEU A 40 40.24 9.10 -7.68
C LEU A 40 39.10 9.87 -7.02
N GLY A 41 39.17 10.01 -5.69
CA GLY A 41 38.12 10.72 -4.99
C GLY A 41 38.58 11.24 -3.64
N THR A 42 37.63 11.53 -2.76
CA THR A 42 37.96 12.04 -1.44
C THR A 42 37.51 11.10 -0.32
N ALA A 43 38.40 10.86 0.64
CA ALA A 43 38.13 9.96 1.76
C ALA A 43 36.90 10.28 2.61
N ASP A 44 36.40 11.51 2.54
CA ASP A 44 35.23 11.90 3.34
C ASP A 44 33.90 11.86 2.58
N ARG A 45 33.98 11.76 1.25
CA ARG A 45 32.78 11.74 0.44
C ARG A 45 32.22 10.32 0.21
N MET A 46 31.00 10.23 -0.29
CA MET A 46 30.35 8.94 -0.51
C MET A 46 31.09 7.94 -1.41
N GLU A 47 31.96 8.43 -2.29
CA GLU A 47 32.68 7.51 -3.17
C GLU A 47 33.66 6.65 -2.38
N ALA A 48 34.14 7.16 -1.25
CA ALA A 48 35.09 6.42 -0.43
C ALA A 48 34.52 5.11 0.08
N ASP A 49 33.21 5.06 0.26
CA ASP A 49 32.57 3.85 0.76
C ASP A 49 31.93 3.03 -0.36
N LEU A 50 31.36 3.72 -1.34
CA LEU A 50 30.69 3.06 -2.45
C LEU A 50 31.59 2.32 -3.43
N VAL A 51 32.66 2.97 -3.89
CA VAL A 51 33.57 2.36 -4.85
C VAL A 51 34.19 1.04 -4.38
N PRO A 52 34.66 0.98 -3.13
CA PRO A 52 35.26 -0.29 -2.66
C PRO A 52 34.23 -1.42 -2.63
N LYS A 53 32.96 -1.07 -2.54
CA LYS A 53 31.87 -2.05 -2.52
C LYS A 53 31.64 -2.59 -3.93
N HIS A 54 32.29 -1.98 -4.91
CA HIS A 54 32.17 -2.43 -6.29
C HIS A 54 33.45 -3.13 -6.71
N GLY A 55 34.28 -3.45 -5.72
CA GLY A 55 35.54 -4.13 -5.98
C GLY A 55 36.61 -3.29 -6.66
N ILE A 56 36.41 -1.97 -6.68
CA ILE A 56 37.37 -1.07 -7.32
C ILE A 56 38.23 -0.34 -6.29
N GLU A 57 39.54 -0.30 -6.54
CA GLU A 57 40.46 0.37 -5.65
C GLU A 57 40.24 1.87 -5.80
N ILE A 58 40.56 2.62 -4.76
CA ILE A 58 40.37 4.06 -4.84
C ILE A 58 41.47 4.83 -4.13
N ASP A 59 42.06 5.77 -4.84
CA ASP A 59 43.11 6.61 -4.31
C ASP A 59 42.44 7.92 -3.91
N PHE A 60 42.89 8.50 -2.81
CA PHE A 60 42.28 9.74 -2.33
C PHE A 60 43.21 10.94 -2.42
N ILE A 61 42.59 12.10 -2.61
CA ILE A 61 43.31 13.37 -2.63
C ILE A 61 42.84 14.03 -1.34
N ARG A 62 43.79 14.46 -0.53
CA ARG A 62 43.46 15.10 0.73
C ARG A 62 43.56 16.61 0.62
N ILE A 63 42.41 17.29 0.65
CA ILE A 63 42.37 18.74 0.55
C ILE A 63 41.59 19.29 1.74
N SER A 64 42.31 19.83 2.71
CA SER A 64 41.67 20.37 3.91
C SER A 64 41.42 21.87 3.85
N GLY A 65 40.47 22.33 4.66
CA GLY A 65 40.14 23.74 4.73
C GLY A 65 39.37 24.36 3.58
N LEU A 66 38.44 23.60 3.00
CA LEU A 66 37.65 24.12 1.89
C LEU A 66 36.31 24.73 2.33
N ARG A 67 35.78 24.24 3.45
CA ARG A 67 34.52 24.74 3.99
C ARG A 67 33.31 24.54 3.09
N GLY A 68 33.45 23.70 2.07
CA GLY A 68 32.33 23.45 1.18
C GLY A 68 32.26 24.34 -0.05
N LYS A 69 33.16 25.31 -0.13
CA LYS A 69 33.18 26.20 -1.28
C LYS A 69 33.40 25.38 -2.55
N GLY A 70 34.46 24.59 -2.57
CA GLY A 70 34.71 23.75 -3.74
C GLY A 70 35.95 24.11 -4.55
N ILE A 71 35.84 23.91 -5.86
CA ILE A 71 36.93 24.17 -6.79
C ILE A 71 37.34 25.64 -6.88
N LYS A 72 36.37 26.54 -6.73
CA LYS A 72 36.66 27.97 -6.79
C LYS A 72 37.55 28.38 -5.62
N ALA A 73 37.34 27.75 -4.48
CA ALA A 73 38.14 28.04 -3.30
C ALA A 73 39.52 27.42 -3.44
N LEU A 74 39.55 26.16 -3.84
CA LEU A 74 40.79 25.44 -4.01
C LEU A 74 41.74 26.17 -4.96
N ILE A 75 41.20 26.66 -6.07
CA ILE A 75 42.02 27.37 -7.05
C ILE A 75 42.52 28.71 -6.53
N ALA A 76 41.86 29.23 -5.49
CA ALA A 76 42.24 30.51 -4.91
C ALA A 76 43.23 30.35 -3.76
N ALA A 77 43.69 29.11 -3.54
CA ALA A 77 44.65 28.84 -2.49
C ALA A 77 45.86 28.17 -3.15
N PRO A 78 46.88 28.98 -3.49
CA PRO A 78 48.13 28.56 -4.14
C PRO A 78 48.75 27.26 -3.63
N LEU A 79 49.05 27.22 -2.34
CA LEU A 79 49.66 26.02 -1.78
C LEU A 79 48.74 24.79 -1.83
N ARG A 80 47.45 25.00 -1.62
CA ARG A 80 46.49 23.90 -1.64
C ARG A 80 46.31 23.29 -3.02
N ILE A 81 46.20 24.13 -4.04
CA ILE A 81 46.05 23.61 -5.40
C ILE A 81 47.34 22.91 -5.82
N PHE A 82 48.48 23.49 -5.46
CA PHE A 82 49.79 22.91 -5.79
C PHE A 82 49.91 21.53 -5.15
N ASN A 83 49.54 21.44 -3.88
CA ASN A 83 49.60 20.17 -3.17
C ASN A 83 48.59 19.14 -3.73
N ALA A 84 47.39 19.55 -4.05
CA ALA A 84 46.39 18.62 -4.60
C ALA A 84 46.85 18.10 -5.97
N TRP A 85 47.42 18.99 -6.77
CA TRP A 85 47.93 18.64 -8.09
C TRP A 85 49.08 17.64 -7.96
N ARG A 86 50.00 17.89 -7.03
CA ARG A 86 51.11 16.98 -6.83
C ARG A 86 50.66 15.62 -6.25
N GLN A 87 49.63 15.64 -5.41
CA GLN A 87 49.12 14.39 -4.87
C GLN A 87 48.58 13.53 -6.01
N ALA A 88 47.87 14.18 -6.93
CA ALA A 88 47.31 13.50 -8.09
C ALA A 88 48.41 13.01 -9.02
N ARG A 89 49.46 13.80 -9.19
CA ARG A 89 50.56 13.35 -10.05
C ARG A 89 51.23 12.11 -9.46
N ALA A 90 51.43 12.10 -8.15
CA ALA A 90 52.07 10.94 -7.50
C ALA A 90 51.22 9.70 -7.72
N ILE A 91 49.91 9.87 -7.61
CA ILE A 91 48.97 8.79 -7.80
C ILE A 91 49.01 8.27 -9.24
N MET A 92 49.10 9.18 -10.20
CA MET A 92 49.12 8.78 -11.60
C MET A 92 50.49 8.25 -12.05
N LYS A 93 51.55 8.69 -11.39
CA LYS A 93 52.89 8.21 -11.73
C LYS A 93 53.01 6.74 -11.31
N ALA A 94 52.34 6.38 -10.21
CA ALA A 94 52.37 5.01 -9.70
C ALA A 94 51.40 4.08 -10.45
N TYR A 95 50.18 4.56 -10.71
CA TYR A 95 49.19 3.75 -11.40
C TYR A 95 49.40 3.75 -12.91
N LYS A 96 49.87 4.88 -13.43
CA LYS A 96 50.13 5.03 -14.85
C LYS A 96 48.93 4.73 -15.74
N PRO A 97 47.83 5.50 -15.58
CA PRO A 97 46.66 5.25 -16.42
C PRO A 97 46.92 5.72 -17.86
N ASP A 98 46.26 5.09 -18.82
CA ASP A 98 46.44 5.47 -20.22
C ASP A 98 45.51 6.64 -20.56
N VAL A 99 44.51 6.83 -19.71
CA VAL A 99 43.53 7.90 -19.89
C VAL A 99 42.79 8.11 -18.58
N VAL A 100 42.23 9.31 -18.39
CA VAL A 100 41.45 9.58 -17.19
C VAL A 100 40.11 10.12 -17.62
N LEU A 101 39.06 9.74 -16.89
CA LEU A 101 37.70 10.17 -17.20
C LEU A 101 37.20 11.02 -16.03
N GLY A 102 36.86 12.27 -16.32
CA GLY A 102 36.35 13.15 -15.29
C GLY A 102 34.84 13.22 -15.42
N MET A 103 34.12 12.92 -14.34
CA MET A 103 32.66 12.93 -14.35
C MET A 103 32.09 14.18 -13.66
N GLY A 104 32.97 15.13 -13.32
CA GLY A 104 32.55 16.34 -12.64
C GLY A 104 32.88 16.29 -11.17
N GLY A 105 32.81 17.42 -10.48
CA GLY A 105 33.14 17.43 -9.06
C GLY A 105 34.53 18.01 -8.89
N TYR A 106 34.76 18.73 -7.80
CA TYR A 106 36.04 19.37 -7.58
C TYR A 106 37.29 18.48 -7.57
N VAL A 107 37.20 17.27 -7.05
CA VAL A 107 38.37 16.41 -7.02
C VAL A 107 38.92 16.15 -8.42
N SER A 108 38.05 16.17 -9.43
CA SER A 108 38.47 15.94 -10.80
C SER A 108 39.32 17.08 -11.35
N GLY A 109 39.27 18.23 -10.67
CA GLY A 109 40.06 19.36 -11.11
C GLY A 109 41.55 19.11 -10.97
N PRO A 110 42.06 18.83 -9.76
CA PRO A 110 43.49 18.56 -9.58
C PRO A 110 43.85 17.30 -10.36
N GLY A 111 42.92 16.36 -10.39
CA GLY A 111 43.16 15.11 -11.12
C GLY A 111 43.39 15.38 -12.59
N GLY A 112 42.50 16.17 -13.20
CA GLY A 112 42.65 16.50 -14.60
C GLY A 112 43.93 17.27 -14.91
N LEU A 113 44.26 18.21 -14.02
CA LEU A 113 45.47 19.03 -14.19
C LEU A 113 46.67 18.08 -14.14
N ALA A 114 46.63 17.17 -13.19
CA ALA A 114 47.71 16.20 -13.04
C ALA A 114 47.89 15.37 -14.31
N ALA A 115 46.81 14.78 -14.81
CA ALA A 115 46.91 13.98 -16.04
C ALA A 115 47.45 14.83 -17.19
N TRP A 116 46.94 16.04 -17.33
CA TRP A 116 47.38 16.92 -18.40
C TRP A 116 48.88 17.22 -18.31
N SER A 117 49.38 17.43 -17.09
CA SER A 117 50.81 17.71 -16.87
C SER A 117 51.71 16.49 -17.09
N LEU A 118 51.10 15.31 -17.16
CA LEU A 118 51.85 14.06 -17.38
C LEU A 118 51.65 13.56 -18.80
N GLY A 119 50.89 14.30 -19.59
CA GLY A 119 50.64 13.92 -20.97
C GLY A 119 49.59 12.83 -21.13
N ILE A 120 48.82 12.58 -20.07
CA ILE A 120 47.76 11.57 -20.09
C ILE A 120 46.48 12.24 -20.58
N PRO A 121 45.86 11.72 -21.66
CA PRO A 121 44.64 12.38 -22.14
C PRO A 121 43.51 12.40 -21.13
N VAL A 122 42.76 13.51 -21.16
CA VAL A 122 41.64 13.73 -20.27
C VAL A 122 40.31 13.71 -21.02
N VAL A 123 39.38 12.89 -20.53
CA VAL A 123 38.05 12.77 -21.13
C VAL A 123 37.07 13.21 -20.06
N LEU A 124 36.12 14.05 -20.44
CA LEU A 124 35.14 14.54 -19.49
C LEU A 124 33.71 14.18 -19.86
N HIS A 125 32.86 14.04 -18.85
CA HIS A 125 31.45 13.79 -19.08
C HIS A 125 30.67 14.68 -18.10
N GLU A 126 29.76 15.49 -18.64
CA GLU A 126 28.94 16.37 -17.82
C GLU A 126 27.52 15.81 -17.87
N GLN A 127 26.96 15.49 -16.70
CA GLN A 127 25.61 14.94 -16.62
C GLN A 127 24.48 15.95 -16.65
N ASN A 128 24.72 17.16 -16.16
CA ASN A 128 23.67 18.18 -16.08
C ASN A 128 23.46 19.14 -17.24
N GLY A 129 22.32 19.81 -17.22
CA GLY A 129 21.96 20.77 -18.25
C GLY A 129 22.87 21.98 -18.23
N ILE A 130 23.50 22.21 -17.08
CA ILE A 130 24.45 23.31 -16.92
C ILE A 130 25.74 22.70 -16.43
N ALA A 131 26.85 23.06 -17.08
CA ALA A 131 28.15 22.52 -16.69
C ALA A 131 28.57 22.92 -15.29
N GLY A 132 29.14 21.96 -14.56
CA GLY A 132 29.62 22.25 -13.22
C GLY A 132 30.83 23.14 -13.43
N LEU A 133 31.22 23.91 -12.42
CA LEU A 133 32.37 24.79 -12.58
C LEU A 133 33.68 24.07 -12.84
N THR A 134 33.89 22.92 -12.19
CA THR A 134 35.12 22.16 -12.40
C THR A 134 35.21 21.69 -13.86
N ASN A 135 34.11 21.14 -14.36
CA ASN A 135 34.08 20.65 -15.74
C ASN A 135 34.29 21.80 -16.74
N LYS A 136 33.70 22.96 -16.44
CA LYS A 136 33.84 24.09 -17.35
C LYS A 136 35.30 24.50 -17.54
N TRP A 137 36.06 24.56 -16.45
CA TRP A 137 37.46 24.94 -16.53
C TRP A 137 38.30 23.80 -17.09
N LEU A 138 37.97 22.59 -16.67
CA LEU A 138 38.69 21.39 -17.10
C LEU A 138 38.59 21.22 -18.61
N ALA A 139 37.43 21.57 -19.17
CA ALA A 139 37.22 21.45 -20.60
C ALA A 139 38.30 22.20 -21.40
N LYS A 140 38.94 23.17 -20.77
CA LYS A 140 40.00 23.94 -21.44
C LYS A 140 41.26 23.12 -21.71
N ILE A 141 41.42 21.99 -21.04
CA ILE A 141 42.60 21.15 -21.25
C ILE A 141 42.22 19.72 -21.65
N ALA A 142 40.93 19.45 -21.74
CA ALA A 142 40.47 18.10 -22.08
C ALA A 142 40.67 17.72 -23.55
N THR A 143 40.89 16.44 -23.79
CA THR A 143 41.08 15.89 -25.13
C THR A 143 39.70 15.62 -25.77
N LYS A 144 38.72 15.34 -24.93
CA LYS A 144 37.37 15.09 -25.41
C LYS A 144 36.36 15.44 -24.34
N VAL A 145 35.35 16.22 -24.73
CA VAL A 145 34.32 16.60 -23.78
C VAL A 145 32.99 16.06 -24.30
N MET A 146 32.23 15.45 -23.39
CA MET A 146 30.91 14.89 -23.71
C MET A 146 29.93 15.41 -22.67
N GLN A 147 28.68 15.59 -23.07
CA GLN A 147 27.66 16.09 -22.18
C GLN A 147 26.39 15.26 -22.39
N ALA A 148 25.59 15.12 -21.34
CA ALA A 148 24.36 14.33 -21.43
C ALA A 148 23.31 15.04 -22.27
N PHE A 149 23.11 16.33 -21.99
CA PHE A 149 22.13 17.15 -22.70
C PHE A 149 22.80 18.28 -23.47
N PRO A 150 22.20 18.71 -24.59
CA PRO A 150 22.80 19.80 -25.34
C PRO A 150 22.62 21.09 -24.54
N GLY A 151 23.57 22.02 -24.64
CA GLY A 151 23.44 23.26 -23.91
C GLY A 151 24.41 23.48 -22.75
N ALA A 152 24.90 22.41 -22.14
CA ALA A 152 25.84 22.54 -21.04
C ALA A 152 27.05 23.24 -21.64
N PHE A 153 27.56 22.67 -22.73
CA PHE A 153 28.68 23.24 -23.47
C PHE A 153 28.21 23.52 -24.88
N PRO A 154 28.79 24.53 -25.54
CA PRO A 154 28.43 24.92 -26.91
C PRO A 154 28.57 23.84 -27.99
N ASN A 155 29.71 23.14 -28.01
CA ASN A 155 29.94 22.14 -29.05
C ASN A 155 30.31 20.72 -28.62
N ALA A 156 30.16 20.39 -27.34
CA ALA A 156 30.51 19.05 -26.87
C ALA A 156 29.52 18.00 -27.39
N GLU A 157 30.04 16.84 -27.78
CA GLU A 157 29.19 15.77 -28.28
C GLU A 157 28.14 15.41 -27.23
N VAL A 158 26.89 15.27 -27.67
CA VAL A 158 25.79 14.92 -26.76
C VAL A 158 25.61 13.40 -26.78
N VAL A 159 25.84 12.78 -25.62
CA VAL A 159 25.76 11.33 -25.50
C VAL A 159 24.75 10.83 -24.46
N GLY A 160 24.13 11.77 -23.73
CA GLY A 160 23.16 11.40 -22.70
C GLY A 160 23.80 10.82 -21.45
N ASN A 161 22.98 10.22 -20.57
CA ASN A 161 23.45 9.61 -19.33
C ASN A 161 23.20 8.12 -19.25
N PRO A 162 24.02 7.39 -18.49
CA PRO A 162 23.82 5.95 -18.36
C PRO A 162 22.47 5.72 -17.67
N VAL A 163 21.70 4.79 -18.21
CA VAL A 163 20.38 4.45 -17.67
C VAL A 163 20.36 2.97 -17.31
N ARG A 164 19.73 2.62 -16.19
CA ARG A 164 19.65 1.22 -15.80
C ARG A 164 18.97 0.48 -16.96
N THR A 165 19.53 -0.67 -17.34
CA THR A 165 19.02 -1.44 -18.46
C THR A 165 17.62 -2.03 -18.33
N ASP A 166 17.14 -2.25 -17.11
CA ASP A 166 15.79 -2.79 -16.97
C ASP A 166 14.79 -1.72 -17.39
N VAL A 167 15.19 -0.44 -17.29
CA VAL A 167 14.33 0.66 -17.71
C VAL A 167 14.48 0.85 -19.22
N LEU A 168 15.71 0.72 -19.70
CA LEU A 168 15.99 0.87 -21.12
C LEU A 168 15.23 -0.13 -21.97
N ALA A 169 14.95 -1.30 -21.40
CA ALA A 169 14.24 -2.37 -22.12
C ALA A 169 12.71 -2.23 -22.12
N LEU A 170 12.20 -1.24 -21.39
CA LEU A 170 10.75 -1.05 -21.33
C LEU A 170 10.13 -0.84 -22.71
N PRO A 171 8.96 -1.45 -22.95
CA PRO A 171 8.27 -1.32 -24.23
C PRO A 171 8.02 0.14 -24.57
N LEU A 172 7.90 0.44 -25.85
CA LEU A 172 7.66 1.81 -26.31
C LEU A 172 6.30 2.31 -25.82
N PRO A 173 6.13 3.63 -25.72
CA PRO A 173 4.88 4.25 -25.27
C PRO A 173 3.62 3.70 -25.95
N GLN A 174 3.67 3.57 -27.27
CA GLN A 174 2.52 3.06 -28.00
C GLN A 174 2.11 1.68 -27.49
N GLN A 175 3.08 0.83 -27.24
CA GLN A 175 2.80 -0.52 -26.76
C GLN A 175 2.28 -0.51 -25.32
N ARG A 176 2.89 0.32 -24.48
CA ARG A 176 2.50 0.43 -23.09
C ARG A 176 1.10 1.00 -22.89
N LEU A 177 0.77 2.03 -23.68
CA LEU A 177 -0.51 2.70 -23.56
C LEU A 177 -1.62 2.21 -24.49
N ALA A 178 -1.32 1.21 -25.32
CA ALA A 178 -2.31 0.68 -26.25
C ALA A 178 -3.50 0.07 -25.53
N GLY A 179 -4.68 0.67 -25.73
CA GLY A 179 -5.89 0.17 -25.10
C GLY A 179 -6.04 0.50 -23.63
N ARG A 180 -5.12 1.29 -23.09
CA ARG A 180 -5.19 1.64 -21.68
C ARG A 180 -6.27 2.70 -21.43
N GLU A 181 -7.16 2.41 -20.48
CA GLU A 181 -8.23 3.32 -20.13
C GLU A 181 -8.31 3.40 -18.62
N GLY A 182 -9.15 4.31 -18.12
CA GLY A 182 -9.30 4.45 -16.69
C GLY A 182 -8.55 5.63 -16.11
N PRO A 183 -8.58 5.80 -14.78
CA PRO A 183 -7.90 6.89 -14.08
C PRO A 183 -6.42 6.97 -14.47
N VAL A 184 -5.91 8.20 -14.54
CA VAL A 184 -4.51 8.39 -14.90
C VAL A 184 -3.67 7.90 -13.73
N ARG A 185 -2.68 7.07 -14.03
CA ARG A 185 -1.81 6.50 -13.02
C ARG A 185 -0.65 7.46 -12.73
N VAL A 186 -0.65 8.03 -11.53
CA VAL A 186 0.39 8.98 -11.16
C VAL A 186 1.41 8.34 -10.22
N LEU A 187 2.64 8.31 -10.66
CA LEU A 187 3.74 7.75 -9.88
C LEU A 187 4.47 8.94 -9.25
N VAL A 188 4.50 8.98 -7.91
CA VAL A 188 5.17 10.05 -7.19
C VAL A 188 6.48 9.46 -6.63
N VAL A 189 7.61 9.98 -7.12
CA VAL A 189 8.91 9.48 -6.70
C VAL A 189 9.70 10.54 -5.93
N GLY A 190 10.08 10.21 -4.70
CA GLY A 190 10.85 11.13 -3.88
C GLY A 190 12.27 10.66 -3.59
N GLY A 191 12.65 9.51 -4.13
CA GLY A 191 13.99 9.01 -3.89
C GLY A 191 14.13 8.36 -2.53
N SER A 192 15.28 7.75 -2.28
CA SER A 192 15.53 7.05 -1.02
C SER A 192 15.19 7.87 0.23
N GLN A 193 15.47 9.17 0.19
CA GLN A 193 15.20 9.99 1.36
C GLN A 193 13.83 10.66 1.32
N GLY A 194 13.18 10.61 0.15
CA GLY A 194 11.87 11.20 0.01
C GLY A 194 11.91 12.69 -0.28
N ALA A 195 10.83 13.22 -0.83
CA ALA A 195 10.72 14.64 -1.14
C ALA A 195 9.62 15.21 -0.26
N ARG A 196 10.00 15.73 0.90
CA ARG A 196 9.07 16.31 1.86
C ARG A 196 7.90 17.08 1.25
N ILE A 197 8.18 17.94 0.28
CA ILE A 197 7.11 18.72 -0.34
C ILE A 197 6.13 17.85 -1.11
N LEU A 198 6.61 16.79 -1.74
CA LEU A 198 5.71 15.91 -2.48
C LEU A 198 4.87 15.13 -1.47
N ASN A 199 5.48 14.75 -0.35
CA ASN A 199 4.76 14.02 0.68
C ASN A 199 3.65 14.86 1.30
N GLN A 200 3.85 16.17 1.28
CA GLN A 200 2.86 17.09 1.83
C GLN A 200 1.84 17.59 0.80
N THR A 201 2.26 17.68 -0.45
CA THR A 201 1.39 18.19 -1.51
C THR A 201 0.45 17.18 -2.20
N MET A 202 0.96 16.00 -2.54
CA MET A 202 0.13 15.01 -3.24
C MET A 202 -1.14 14.52 -2.56
N PRO A 203 -1.14 14.39 -1.22
CA PRO A 203 -2.38 13.92 -0.59
C PRO A 203 -3.50 14.93 -0.83
N GLN A 204 -3.15 16.20 -0.74
CA GLN A 204 -4.12 17.27 -0.94
C GLN A 204 -4.55 17.31 -2.40
N VAL A 205 -3.62 17.03 -3.30
CA VAL A 205 -3.94 17.00 -4.72
C VAL A 205 -4.90 15.85 -5.00
N ALA A 206 -4.67 14.73 -4.31
CA ALA A 206 -5.52 13.56 -4.46
C ALA A 206 -6.96 13.92 -4.12
N ALA A 207 -7.13 14.70 -3.05
CA ALA A 207 -8.45 15.13 -2.61
C ALA A 207 -9.18 15.88 -3.72
N LYS A 208 -8.46 16.76 -4.41
CA LYS A 208 -9.06 17.55 -5.47
C LYS A 208 -9.38 16.76 -6.73
N LEU A 209 -8.56 15.77 -7.06
CA LEU A 209 -8.77 14.98 -8.26
C LEU A 209 -9.65 13.74 -8.08
N GLY A 210 -9.87 13.33 -6.84
CA GLY A 210 -10.69 12.16 -6.57
C GLY A 210 -10.46 10.95 -7.48
N ASP A 211 -11.55 10.43 -8.04
CA ASP A 211 -11.52 9.25 -8.93
C ASP A 211 -10.78 9.39 -10.25
N SER A 212 -10.43 10.61 -10.65
CA SER A 212 -9.74 10.81 -11.92
C SER A 212 -8.31 10.29 -11.97
N VAL A 213 -7.72 10.04 -10.81
CA VAL A 213 -6.35 9.54 -10.76
C VAL A 213 -6.19 8.44 -9.73
N THR A 214 -5.17 7.61 -9.94
CA THR A 214 -4.84 6.53 -9.02
C THR A 214 -3.35 6.77 -8.79
N ILE A 215 -2.97 6.81 -7.52
CA ILE A 215 -1.58 7.11 -7.15
C ILE A 215 -0.78 6.01 -6.48
N TRP A 216 0.52 6.00 -6.79
CA TRP A 216 1.48 5.09 -6.17
C TRP A 216 2.51 6.10 -5.69
N HIS A 217 2.51 6.38 -4.39
CA HIS A 217 3.39 7.35 -3.79
C HIS A 217 4.56 6.72 -3.02
N GLN A 218 5.78 7.03 -3.43
CA GLN A 218 6.99 6.51 -2.76
C GLN A 218 7.46 7.66 -1.87
N SER A 219 7.21 7.52 -0.57
CA SER A 219 7.50 8.56 0.44
C SER A 219 8.93 8.75 0.93
N GLY A 220 9.72 7.70 0.88
CA GLY A 220 11.08 7.79 1.37
C GLY A 220 11.18 7.11 2.72
N LYS A 221 12.40 6.92 3.18
CA LYS A 221 12.69 6.25 4.44
C LYS A 221 11.97 6.87 5.65
N GLY A 222 11.28 6.02 6.41
CA GLY A 222 10.57 6.46 7.59
C GLY A 222 9.38 7.37 7.39
N SER A 223 8.93 7.54 6.15
CA SER A 223 7.78 8.42 5.88
C SER A 223 6.54 7.71 5.34
N GLN A 224 6.61 6.40 5.20
CA GLN A 224 5.50 5.62 4.67
C GLN A 224 4.21 5.86 5.47
N GLN A 225 4.29 5.66 6.79
CA GLN A 225 3.13 5.82 7.66
C GLN A 225 2.52 7.22 7.74
N SER A 226 3.35 8.27 7.69
CA SER A 226 2.81 9.63 7.78
C SER A 226 2.08 10.03 6.49
N VAL A 227 2.59 9.57 5.36
CA VAL A 227 1.97 9.89 4.07
C VAL A 227 0.70 9.07 3.89
N GLU A 228 0.75 7.83 4.34
CA GLU A 228 -0.39 6.90 4.27
C GLU A 228 -1.54 7.53 5.07
N GLN A 229 -1.21 8.06 6.24
CA GLN A 229 -2.19 8.69 7.11
C GLN A 229 -2.72 9.97 6.46
N ALA A 230 -1.85 10.66 5.74
CA ALA A 230 -2.22 11.90 5.06
C ALA A 230 -3.27 11.65 3.99
N TYR A 231 -3.09 10.57 3.23
CA TYR A 231 -4.05 10.22 2.18
C TYR A 231 -5.41 9.85 2.76
N ALA A 232 -5.38 9.13 3.89
CA ALA A 232 -6.61 8.70 4.55
C ALA A 232 -7.39 9.93 5.03
N GLU A 233 -6.67 10.89 5.62
CA GLU A 233 -7.29 12.11 6.12
C GLU A 233 -7.80 12.96 4.98
N ALA A 234 -7.22 12.79 3.80
CA ALA A 234 -7.65 13.56 2.63
C ALA A 234 -8.84 12.85 2.00
N GLY A 235 -9.24 11.73 2.60
CA GLY A 235 -10.37 10.98 2.09
C GLY A 235 -10.09 10.09 0.88
N GLN A 236 -8.83 9.78 0.63
CA GLN A 236 -8.45 8.93 -0.50
C GLN A 236 -7.45 7.90 0.01
N PRO A 237 -7.88 7.07 0.98
CA PRO A 237 -7.01 6.04 1.57
C PRO A 237 -6.57 4.92 0.65
N GLN A 238 -7.26 4.77 -0.48
CA GLN A 238 -6.95 3.70 -1.43
C GLN A 238 -5.63 3.81 -2.17
N HIS A 239 -5.04 5.00 -2.21
CA HIS A 239 -3.79 5.15 -2.94
C HIS A 239 -2.68 4.33 -2.30
N LYS A 240 -1.79 3.81 -3.14
CA LYS A 240 -0.67 3.00 -2.69
C LYS A 240 0.50 3.86 -2.20
N VAL A 241 1.00 3.57 -1.02
CA VAL A 241 2.13 4.31 -0.46
C VAL A 241 3.21 3.32 -0.01
N THR A 242 4.40 3.46 -0.55
CA THR A 242 5.52 2.59 -0.17
C THR A 242 6.73 3.42 0.22
N GLU A 243 7.48 2.91 1.19
CA GLU A 243 8.66 3.62 1.65
C GLU A 243 9.62 3.79 0.47
N PHE A 244 9.86 2.70 -0.24
CA PHE A 244 10.75 2.71 -1.39
C PHE A 244 10.11 2.01 -2.58
N ILE A 245 10.79 2.04 -3.72
CA ILE A 245 10.38 1.33 -4.93
C ILE A 245 11.65 0.76 -5.54
N ASP A 246 11.91 -0.51 -5.27
CA ASP A 246 13.10 -1.15 -5.78
C ASP A 246 13.05 -1.36 -7.28
N ASP A 247 11.94 -1.93 -7.75
CA ASP A 247 11.77 -2.20 -9.17
C ASP A 247 11.18 -0.98 -9.89
N MET A 248 12.01 0.04 -10.13
CA MET A 248 11.54 1.23 -10.81
C MET A 248 11.02 0.92 -12.20
N ALA A 249 11.60 -0.07 -12.86
CA ALA A 249 11.16 -0.44 -14.19
C ALA A 249 9.68 -0.86 -14.15
N ALA A 250 9.32 -1.67 -13.15
CA ALA A 250 7.95 -2.13 -13.01
C ALA A 250 7.00 -0.95 -12.74
N ALA A 251 7.45 0.01 -11.94
CA ALA A 251 6.60 1.17 -11.64
C ALA A 251 6.38 2.03 -12.88
N TYR A 252 7.45 2.22 -13.64
CA TYR A 252 7.40 3.01 -14.86
C TYR A 252 6.52 2.32 -15.90
N ALA A 253 6.47 0.99 -15.86
CA ALA A 253 5.66 0.22 -16.80
C ALA A 253 4.19 0.54 -16.53
N TRP A 254 3.85 0.56 -15.25
CA TRP A 254 2.49 0.84 -14.79
C TRP A 254 2.02 2.28 -14.97
N ALA A 255 2.87 3.24 -14.64
CA ALA A 255 2.51 4.66 -14.69
C ALA A 255 2.12 5.30 -16.03
N ASP A 256 1.35 6.39 -15.91
CA ASP A 256 0.93 7.18 -17.05
C ASP A 256 1.75 8.47 -17.01
N VAL A 257 2.05 8.92 -15.79
CA VAL A 257 2.80 10.15 -15.60
C VAL A 257 3.58 10.08 -14.28
N VAL A 258 4.70 10.80 -14.22
CA VAL A 258 5.53 10.81 -13.02
C VAL A 258 5.72 12.21 -12.47
N VAL A 259 5.65 12.34 -11.14
CA VAL A 259 5.88 13.61 -10.47
C VAL A 259 7.13 13.35 -9.62
N CYS A 260 8.21 14.09 -9.89
CA CYS A 260 9.44 13.87 -9.16
C CYS A 260 10.44 15.01 -9.35
N ARG A 261 11.56 14.91 -8.63
CA ARG A 261 12.63 15.90 -8.73
C ARG A 261 13.25 15.66 -10.10
N SER A 262 14.16 16.53 -10.52
CA SER A 262 14.79 16.38 -11.81
C SER A 262 16.33 16.31 -11.79
N GLY A 263 16.86 15.40 -10.99
CA GLY A 263 18.31 15.23 -10.98
C GLY A 263 18.60 14.69 -12.36
N ALA A 264 19.81 14.94 -12.87
CA ALA A 264 20.20 14.51 -14.21
C ALA A 264 19.93 13.05 -14.57
N LEU A 265 20.34 12.12 -13.71
CA LEU A 265 20.12 10.71 -14.00
C LEU A 265 18.62 10.38 -14.09
N THR A 266 17.83 11.04 -13.26
CA THR A 266 16.39 10.83 -13.23
C THR A 266 15.75 11.30 -14.54
N VAL A 267 16.17 12.47 -15.03
CA VAL A 267 15.64 12.99 -16.28
C VAL A 267 15.92 12.04 -17.44
N SER A 268 17.14 11.49 -17.51
CA SER A 268 17.49 10.56 -18.58
C SER A 268 16.69 9.27 -18.46
N GLU A 269 16.46 8.86 -17.22
CA GLU A 269 15.71 7.64 -16.94
C GLU A 269 14.24 7.80 -17.37
N ILE A 270 13.68 8.98 -17.14
CA ILE A 270 12.31 9.26 -17.52
C ILE A 270 12.17 9.22 -19.04
N ALA A 271 13.17 9.78 -19.73
CA ALA A 271 13.17 9.78 -21.18
C ALA A 271 13.24 8.36 -21.73
N ALA A 272 14.13 7.55 -21.15
CA ALA A 272 14.30 6.16 -21.59
C ALA A 272 13.01 5.37 -21.38
N ALA A 273 12.29 5.69 -20.30
CA ALA A 273 11.04 5.00 -19.98
C ALA A 273 9.90 5.49 -20.89
N GLY A 274 10.13 6.60 -21.59
CA GLY A 274 9.11 7.15 -22.46
C GLY A 274 7.89 7.54 -21.63
N LEU A 275 8.09 8.38 -20.63
CA LEU A 275 7.00 8.80 -19.76
C LEU A 275 6.86 10.30 -19.57
N PRO A 276 5.60 10.78 -19.50
CA PRO A 276 5.34 12.21 -19.29
C PRO A 276 5.74 12.47 -17.84
N ALA A 277 6.15 13.69 -17.53
CA ALA A 277 6.53 13.96 -16.17
C ALA A 277 6.24 15.38 -15.73
N LEU A 278 5.93 15.53 -14.45
CA LEU A 278 5.70 16.83 -13.85
C LEU A 278 6.92 17.00 -12.95
N PHE A 279 7.94 17.67 -13.46
CA PHE A 279 9.17 17.89 -12.71
C PHE A 279 9.06 19.00 -11.70
N VAL A 280 9.51 18.72 -10.48
CA VAL A 280 9.51 19.69 -9.40
C VAL A 280 10.98 19.86 -9.00
N PRO A 281 11.71 20.70 -9.76
CA PRO A 281 13.13 20.99 -9.55
C PRO A 281 13.50 21.38 -8.12
N PHE A 282 14.63 20.87 -7.64
CA PHE A 282 15.10 21.22 -6.31
C PHE A 282 15.59 22.64 -6.45
N GLN A 283 15.11 23.54 -5.60
CA GLN A 283 15.50 24.94 -5.68
C GLN A 283 16.95 25.19 -5.25
N HIS A 284 17.65 25.99 -6.04
CA HIS A 284 19.04 26.34 -5.77
C HIS A 284 19.44 27.48 -6.70
N LYS A 285 20.44 28.26 -6.30
CA LYS A 285 20.89 29.39 -7.10
C LYS A 285 21.25 29.04 -8.54
N ASP A 286 21.89 27.89 -8.72
CA ASP A 286 22.28 27.46 -10.06
C ASP A 286 21.10 26.89 -10.83
N ARG A 287 20.04 26.51 -10.12
CA ARG A 287 18.86 25.94 -10.74
C ARG A 287 19.25 24.74 -11.61
N GLN A 288 20.17 23.94 -11.11
CA GLN A 288 20.65 22.78 -11.84
C GLN A 288 19.51 21.90 -12.34
N GLN A 289 18.66 21.44 -11.42
CA GLN A 289 17.55 20.57 -11.79
C GLN A 289 16.60 21.20 -12.78
N TYR A 290 16.50 22.53 -12.75
CA TYR A 290 15.65 23.22 -13.70
C TYR A 290 16.21 23.02 -15.10
N TRP A 291 17.53 23.18 -15.21
CA TRP A 291 18.20 23.02 -16.50
C TRP A 291 18.22 21.58 -16.97
N ASN A 292 18.20 20.63 -16.04
CA ASN A 292 18.20 19.22 -16.43
C ASN A 292 16.85 18.88 -17.05
N ALA A 293 15.79 19.43 -16.49
CA ALA A 293 14.43 19.19 -16.96
C ALA A 293 14.04 19.99 -18.19
N LEU A 294 14.48 21.23 -18.26
CA LEU A 294 14.16 22.10 -19.39
C LEU A 294 14.21 21.40 -20.75
N PRO A 295 15.23 20.54 -20.97
CA PRO A 295 15.31 19.85 -22.26
C PRO A 295 14.06 19.02 -22.60
N LEU A 296 13.53 18.30 -21.62
CA LEU A 296 12.33 17.48 -21.86
C LEU A 296 11.10 18.36 -22.05
N GLU A 297 10.99 19.42 -21.26
CA GLU A 297 9.84 20.31 -21.36
C GLU A 297 9.83 20.99 -22.73
N LYS A 298 11.00 21.41 -23.19
CA LYS A 298 11.10 22.06 -24.49
C LYS A 298 10.63 21.12 -25.59
N ALA A 299 10.89 19.83 -25.41
CA ALA A 299 10.48 18.83 -26.38
C ALA A 299 9.00 18.55 -26.25
N GLY A 300 8.38 19.13 -25.22
CA GLY A 300 6.96 18.92 -25.00
C GLY A 300 6.68 17.55 -24.38
N ALA A 301 7.61 17.08 -23.56
CA ALA A 301 7.47 15.78 -22.92
C ALA A 301 7.22 15.93 -21.41
N ALA A 302 7.31 17.15 -20.91
CA ALA A 302 7.09 17.38 -19.49
C ALA A 302 6.72 18.81 -19.16
N LYS A 303 6.43 19.02 -17.87
CA LYS A 303 6.07 20.33 -17.35
C LYS A 303 6.93 20.58 -16.12
N ILE A 304 7.52 21.77 -16.04
CA ILE A 304 8.36 22.12 -14.90
C ILE A 304 7.64 23.11 -13.99
N ILE A 305 7.69 22.84 -12.69
CA ILE A 305 7.08 23.70 -11.70
C ILE A 305 8.03 23.88 -10.54
N GLU A 306 8.70 25.04 -10.49
CA GLU A 306 9.63 25.33 -9.41
C GLU A 306 8.80 25.68 -8.19
N GLN A 307 9.31 25.33 -7.01
CA GLN A 307 8.60 25.58 -5.76
C GLN A 307 7.98 26.98 -5.60
N PRO A 308 8.61 28.02 -6.18
CA PRO A 308 8.00 29.35 -6.04
C PRO A 308 6.54 29.34 -6.43
N GLN A 309 6.25 28.81 -7.62
CA GLN A 309 4.87 28.73 -8.10
C GLN A 309 4.33 27.32 -7.97
N LEU A 310 4.87 26.57 -7.01
CA LEU A 310 4.42 25.19 -6.79
C LEU A 310 3.45 25.17 -5.61
N SER A 311 2.31 24.54 -5.82
CA SER A 311 1.28 24.46 -4.78
C SER A 311 0.28 23.36 -5.14
N VAL A 312 -0.62 23.06 -4.22
CA VAL A 312 -1.63 22.03 -4.41
C VAL A 312 -2.42 22.29 -5.69
N ASP A 313 -3.00 23.47 -5.81
CA ASP A 313 -3.79 23.82 -6.98
C ASP A 313 -2.97 23.83 -8.26
N ALA A 314 -1.70 24.22 -8.15
CA ALA A 314 -0.84 24.27 -9.32
C ALA A 314 -0.60 22.85 -9.87
N VAL A 315 -0.33 21.91 -8.98
CA VAL A 315 -0.09 20.53 -9.40
C VAL A 315 -1.38 19.89 -9.90
N ALA A 316 -2.43 19.98 -9.10
CA ALA A 316 -3.71 19.41 -9.47
C ALA A 316 -4.17 19.94 -10.82
N ASN A 317 -4.09 21.25 -11.01
CA ASN A 317 -4.49 21.85 -12.28
C ASN A 317 -3.69 21.33 -13.46
N THR A 318 -2.39 21.09 -13.26
CA THR A 318 -1.56 20.60 -14.35
C THR A 318 -1.98 19.18 -14.76
N LEU A 319 -2.13 18.31 -13.77
CA LEU A 319 -2.51 16.93 -14.04
C LEU A 319 -3.91 16.87 -14.65
N ALA A 320 -4.84 17.61 -14.07
CA ALA A 320 -6.21 17.63 -14.56
C ALA A 320 -6.28 18.09 -16.01
N GLY A 321 -5.26 18.81 -16.46
CA GLY A 321 -5.23 19.32 -17.82
C GLY A 321 -4.63 18.40 -18.86
N TRP A 322 -4.15 17.24 -18.43
CA TRP A 322 -3.55 16.30 -19.37
C TRP A 322 -4.48 15.12 -19.64
N SER A 323 -4.88 14.98 -20.90
CA SER A 323 -5.76 13.89 -21.30
C SER A 323 -4.89 12.68 -21.66
N ARG A 324 -5.51 11.52 -21.84
CA ARG A 324 -4.75 10.33 -22.18
C ARG A 324 -4.11 10.48 -23.54
N GLU A 325 -4.83 11.11 -24.48
CA GLU A 325 -4.29 11.32 -25.81
C GLU A 325 -3.07 12.23 -25.69
N THR A 326 -3.19 13.25 -24.85
CA THR A 326 -2.09 14.19 -24.63
C THR A 326 -0.91 13.45 -24.00
N LEU A 327 -1.20 12.65 -22.98
CA LEU A 327 -0.15 11.90 -22.29
C LEU A 327 0.61 10.95 -23.22
N LEU A 328 -0.11 10.36 -24.19
CA LEU A 328 0.54 9.45 -25.13
C LEU A 328 1.53 10.25 -25.97
N THR A 329 1.13 11.44 -26.36
CA THR A 329 1.99 12.33 -27.16
C THR A 329 3.25 12.65 -26.37
N MET A 330 3.07 13.18 -25.15
CA MET A 330 4.19 13.52 -24.29
C MET A 330 5.11 12.33 -24.10
N ALA A 331 4.51 11.14 -23.91
CA ALA A 331 5.28 9.93 -23.71
C ALA A 331 6.18 9.67 -24.92
N GLU A 332 5.60 9.74 -26.11
CA GLU A 332 6.36 9.53 -27.34
C GLU A 332 7.47 10.56 -27.46
N ARG A 333 7.15 11.81 -27.10
CA ARG A 333 8.14 12.88 -27.14
C ARG A 333 9.29 12.54 -26.18
N ALA A 334 8.95 12.12 -24.98
CA ALA A 334 9.95 11.78 -23.98
C ALA A 334 10.90 10.68 -24.48
N ARG A 335 10.34 9.65 -25.09
CA ARG A 335 11.13 8.54 -25.60
C ARG A 335 12.02 8.99 -26.75
N ALA A 336 11.50 9.84 -27.60
CA ALA A 336 12.23 10.34 -28.76
C ALA A 336 13.45 11.15 -28.33
N ALA A 337 13.37 11.78 -27.16
CA ALA A 337 14.46 12.58 -26.64
C ALA A 337 15.36 11.76 -25.74
N SER A 338 15.45 10.46 -26.00
CA SER A 338 16.27 9.57 -25.19
C SER A 338 17.45 8.97 -25.95
N ILE A 339 18.55 8.76 -25.23
CA ILE A 339 19.75 8.17 -25.80
C ILE A 339 20.03 6.93 -24.96
N PRO A 340 19.82 5.74 -25.54
CA PRO A 340 20.03 4.44 -24.88
C PRO A 340 21.45 3.88 -24.74
N ASP A 341 22.41 4.42 -25.48
CA ASP A 341 23.77 3.89 -25.42
C ASP A 341 24.84 4.80 -24.80
N ALA A 342 24.44 5.58 -23.80
CA ALA A 342 25.37 6.48 -23.13
C ALA A 342 26.62 5.76 -22.60
N THR A 343 26.41 4.73 -21.79
CA THR A 343 27.53 4.00 -21.22
C THR A 343 28.49 3.52 -22.31
N GLU A 344 27.97 2.82 -23.31
CA GLU A 344 28.79 2.30 -24.39
C GLU A 344 29.46 3.42 -25.18
N ARG A 345 28.76 4.53 -25.33
CA ARG A 345 29.27 5.68 -26.06
C ARG A 345 30.49 6.30 -25.36
N VAL A 346 30.33 6.64 -24.08
CA VAL A 346 31.43 7.24 -23.34
C VAL A 346 32.57 6.22 -23.25
N ALA A 347 32.22 4.96 -23.03
CA ALA A 347 33.22 3.89 -22.93
C ALA A 347 34.04 3.84 -24.21
N ASN A 348 33.37 3.92 -25.36
CA ASN A 348 34.04 3.88 -26.65
C ASN A 348 34.96 5.08 -26.85
N GLU A 349 34.48 6.27 -26.48
CA GLU A 349 35.29 7.48 -26.61
C GLU A 349 36.51 7.39 -25.72
N VAL A 350 36.35 6.82 -24.54
CA VAL A 350 37.47 6.65 -23.62
C VAL A 350 38.50 5.72 -24.26
N SER A 351 38.02 4.64 -24.87
CA SER A 351 38.90 3.67 -25.52
C SER A 351 39.63 4.30 -26.70
N ARG A 352 38.92 5.10 -27.48
CA ARG A 352 39.50 5.76 -28.63
C ARG A 352 40.60 6.74 -28.21
N VAL A 353 40.32 7.51 -27.16
CA VAL A 353 41.29 8.48 -26.66
C VAL A 353 42.52 7.81 -26.06
N ALA A 354 42.31 6.76 -25.28
CA ALA A 354 43.41 6.04 -24.66
C ALA A 354 44.36 5.50 -25.72
N ARG A 355 43.82 5.19 -26.90
CA ARG A 355 44.63 4.66 -28.00
C ARG A 355 45.18 5.79 -28.86
N ALA A 356 44.88 7.03 -28.46
CA ALA A 356 45.34 8.23 -29.15
C ALA A 356 44.87 8.30 -30.60
N LEU A 357 43.64 7.87 -30.85
CA LEU A 357 43.06 7.90 -32.19
C LEU A 357 42.59 9.29 -32.58
N LYS B 7 -34.21 -0.97 35.54
CA LYS B 7 -34.40 -2.40 35.14
C LYS B 7 -33.07 -3.15 35.01
N ARG B 8 -33.10 -4.43 35.37
CA ARG B 8 -31.92 -5.26 35.33
C ARG B 8 -31.95 -6.28 34.19
N LEU B 9 -30.87 -6.33 33.43
CA LEU B 9 -30.74 -7.27 32.33
C LEU B 9 -29.49 -8.10 32.54
N MET B 10 -29.61 -9.42 32.34
CA MET B 10 -28.45 -10.28 32.44
C MET B 10 -28.25 -10.83 31.05
N VAL B 11 -27.04 -10.70 30.53
CA VAL B 11 -26.72 -11.15 29.19
C VAL B 11 -25.83 -12.40 29.25
N MET B 12 -26.19 -13.40 28.43
CA MET B 12 -25.43 -14.66 28.35
C MET B 12 -24.91 -14.69 26.92
N ALA B 13 -23.61 -14.46 26.75
CA ALA B 13 -22.99 -14.43 25.43
C ALA B 13 -21.47 -14.50 25.50
N GLY B 14 -20.93 -15.70 25.29
CA GLY B 14 -19.49 -15.88 25.35
C GLY B 14 -18.73 -15.41 24.13
N GLY B 15 -17.45 -15.12 24.33
CA GLY B 15 -16.62 -14.67 23.22
C GLY B 15 -16.51 -15.70 22.11
N THR B 16 -16.51 -16.98 22.48
CA THR B 16 -16.42 -18.04 21.49
C THR B 16 -17.67 -17.95 20.62
N GLY B 17 -17.50 -18.13 19.32
CA GLY B 17 -18.63 -18.04 18.42
C GLY B 17 -18.96 -16.57 18.13
N GLY B 18 -18.22 -15.67 18.76
CA GLY B 18 -18.42 -14.24 18.56
C GLY B 18 -19.82 -13.73 18.89
N HIS B 19 -20.38 -14.20 20.00
CA HIS B 19 -21.71 -13.78 20.42
C HIS B 19 -21.60 -12.56 21.35
N VAL B 20 -20.44 -12.38 21.96
CA VAL B 20 -20.22 -11.28 22.90
C VAL B 20 -20.33 -9.89 22.29
N PHE B 21 -19.86 -9.72 21.06
CA PHE B 21 -19.89 -8.41 20.42
C PHE B 21 -21.31 -7.88 20.22
N PRO B 22 -22.20 -8.69 19.64
CA PRO B 22 -23.59 -8.25 19.43
C PRO B 22 -24.29 -8.05 20.77
N GLY B 23 -23.92 -8.87 21.76
CA GLY B 23 -24.51 -8.77 23.07
C GLY B 23 -24.09 -7.48 23.74
N LEU B 24 -22.85 -7.08 23.49
CA LEU B 24 -22.30 -5.84 24.04
C LEU B 24 -23.03 -4.65 23.41
N ALA B 25 -23.33 -4.77 22.12
CA ALA B 25 -24.03 -3.70 21.42
C ALA B 25 -25.39 -3.46 22.09
N VAL B 26 -26.11 -4.54 22.39
CA VAL B 26 -27.42 -4.45 23.02
C VAL B 26 -27.31 -3.95 24.46
N ALA B 27 -26.29 -4.40 25.18
CA ALA B 27 -26.10 -3.97 26.56
C ALA B 27 -25.87 -2.46 26.62
N HIS B 28 -24.97 -1.96 25.78
CA HIS B 28 -24.66 -0.54 25.76
C HIS B 28 -25.88 0.28 25.38
N HIS B 29 -26.66 -0.24 24.44
CA HIS B 29 -27.86 0.44 24.00
C HIS B 29 -28.84 0.62 25.16
N LEU B 30 -29.02 -0.44 25.95
CA LEU B 30 -29.95 -0.39 27.08
C LEU B 30 -29.40 0.38 28.27
N MET B 31 -28.08 0.36 28.45
CA MET B 31 -27.47 1.09 29.56
C MET B 31 -27.68 2.57 29.36
N ALA B 32 -27.78 2.98 28.10
CA ALA B 32 -27.99 4.38 27.74
C ALA B 32 -29.46 4.74 27.98
N GLN B 33 -30.28 3.72 28.26
CA GLN B 33 -31.71 3.95 28.52
C GLN B 33 -31.96 3.84 30.02
N GLY B 34 -30.88 3.78 30.78
CA GLY B 34 -31.02 3.68 32.23
C GLY B 34 -30.92 2.28 32.79
N TRP B 35 -30.79 1.28 31.92
CA TRP B 35 -30.71 -0.11 32.36
C TRP B 35 -29.42 -0.50 33.06
N GLN B 36 -29.53 -1.46 33.97
CA GLN B 36 -28.36 -1.98 34.67
C GLN B 36 -28.17 -3.33 33.96
N VAL B 37 -26.94 -3.61 33.56
CA VAL B 37 -26.66 -4.87 32.87
C VAL B 37 -25.55 -5.64 33.56
N ARG B 38 -25.76 -6.95 33.66
CA ARG B 38 -24.77 -7.83 34.28
C ARG B 38 -24.54 -8.98 33.29
N TRP B 39 -23.32 -9.50 33.27
CA TRP B 39 -22.99 -10.56 32.35
C TRP B 39 -22.89 -11.93 33.02
N LEU B 40 -23.16 -12.98 32.24
CA LEU B 40 -23.06 -14.35 32.74
C LEU B 40 -22.18 -15.09 31.74
N GLY B 41 -20.99 -15.53 32.17
CA GLY B 41 -20.10 -16.23 31.26
C GLY B 41 -19.23 -17.22 32.01
N THR B 42 -18.10 -17.60 31.43
CA THR B 42 -17.18 -18.53 32.08
C THR B 42 -15.82 -17.87 32.26
N ALA B 43 -15.14 -18.23 33.35
CA ALA B 43 -13.85 -17.63 33.69
C ALA B 43 -12.72 -17.80 32.67
N ASP B 44 -12.60 -18.97 32.06
CA ASP B 44 -11.52 -19.19 31.11
C ASP B 44 -11.88 -18.95 29.64
N ARG B 45 -12.78 -18.01 29.39
CA ARG B 45 -13.16 -17.66 28.03
C ARG B 45 -13.01 -16.16 27.80
N MET B 46 -12.97 -15.78 26.53
CA MET B 46 -12.79 -14.39 26.09
C MET B 46 -13.64 -13.30 26.75
N GLU B 47 -14.89 -13.61 27.10
CA GLU B 47 -15.75 -12.61 27.72
C GLU B 47 -15.26 -12.24 29.12
N ALA B 48 -14.50 -13.12 29.75
CA ALA B 48 -13.98 -12.88 31.08
C ALA B 48 -13.07 -11.66 31.10
N ASP B 49 -12.37 -11.42 30.00
CA ASP B 49 -11.46 -10.28 29.90
C ASP B 49 -12.08 -9.09 29.18
N LEU B 50 -12.88 -9.35 28.15
CA LEU B 50 -13.48 -8.27 27.39
C LEU B 50 -14.63 -7.52 28.07
N VAL B 51 -15.55 -8.24 28.68
CA VAL B 51 -16.68 -7.56 29.31
C VAL B 51 -16.26 -6.58 30.40
N PRO B 52 -15.28 -6.95 31.24
CA PRO B 52 -14.86 -5.99 32.27
C PRO B 52 -14.26 -4.73 31.65
N LYS B 53 -13.59 -4.89 30.52
CA LYS B 53 -12.97 -3.75 29.82
C LYS B 53 -14.05 -2.82 29.29
N HIS B 54 -15.30 -3.27 29.32
CA HIS B 54 -16.42 -2.47 28.85
C HIS B 54 -17.17 -1.86 30.02
N GLY B 55 -16.59 -1.98 31.21
CA GLY B 55 -17.22 -1.42 32.41
C GLY B 55 -18.44 -2.19 32.89
N ILE B 56 -18.60 -3.42 32.42
CA ILE B 56 -19.73 -4.25 32.80
C ILE B 56 -19.33 -5.38 33.74
N GLU B 57 -20.10 -5.58 34.79
CA GLU B 57 -19.83 -6.62 35.77
C GLU B 57 -20.18 -7.98 35.16
N ILE B 58 -19.44 -9.01 35.57
CA ILE B 58 -19.69 -10.34 35.04
C ILE B 58 -19.63 -11.41 36.10
N ASP B 59 -20.63 -12.28 36.09
CA ASP B 59 -20.72 -13.40 37.02
C ASP B 59 -20.33 -14.65 36.25
N PHE B 60 -19.61 -15.56 36.91
CA PHE B 60 -19.15 -16.77 36.23
C PHE B 60 -19.77 -18.06 36.78
N ILE B 61 -19.92 -19.04 35.90
CA ILE B 61 -20.40 -20.36 36.31
C ILE B 61 -19.47 -21.35 35.63
N ARG B 62 -19.49 -22.60 36.09
CA ARG B 62 -18.63 -23.61 35.48
C ARG B 62 -19.45 -24.58 34.64
N ILE B 63 -19.00 -24.81 33.41
CA ILE B 63 -19.69 -25.76 32.53
C ILE B 63 -18.68 -26.72 31.88
N SER B 64 -17.56 -26.92 32.56
CA SER B 64 -16.51 -27.82 32.08
C SER B 64 -17.07 -29.21 31.82
N GLY B 65 -16.74 -29.77 30.66
CA GLY B 65 -17.23 -31.09 30.32
C GLY B 65 -18.63 -31.04 29.71
N LEU B 66 -19.29 -29.89 29.80
CA LEU B 66 -20.64 -29.75 29.25
C LEU B 66 -20.67 -29.09 27.88
N ARG B 67 -19.56 -28.49 27.48
CA ARG B 67 -19.49 -27.83 26.18
C ARG B 67 -19.72 -28.81 25.03
N GLY B 68 -20.38 -28.33 23.98
CA GLY B 68 -20.64 -29.18 22.83
C GLY B 68 -21.77 -30.17 23.02
N LYS B 69 -22.40 -30.16 24.19
CA LYS B 69 -23.50 -31.08 24.45
C LYS B 69 -24.84 -30.41 24.18
N GLY B 70 -25.72 -31.15 23.50
CA GLY B 70 -27.08 -30.70 23.21
C GLY B 70 -27.91 -31.01 24.45
N ILE B 71 -29.20 -30.72 24.43
CA ILE B 71 -30.01 -30.95 25.64
C ILE B 71 -30.10 -32.40 26.11
N LYS B 72 -30.18 -33.35 25.19
CA LYS B 72 -30.25 -34.75 25.60
C LYS B 72 -28.95 -35.17 26.26
N ALA B 73 -27.82 -34.72 25.73
CA ALA B 73 -26.51 -35.04 26.29
C ALA B 73 -26.32 -34.34 27.64
N LEU B 74 -26.87 -33.15 27.78
CA LEU B 74 -26.77 -32.43 29.05
C LEU B 74 -27.54 -33.15 30.14
N ILE B 75 -28.78 -33.52 29.85
CA ILE B 75 -29.62 -34.20 30.82
C ILE B 75 -29.06 -35.58 31.12
N ALA B 76 -28.17 -36.07 30.26
CA ALA B 76 -27.55 -37.39 30.48
C ALA B 76 -26.38 -37.24 31.46
N ALA B 77 -26.10 -36.01 31.87
CA ALA B 77 -25.05 -35.70 32.84
C ALA B 77 -25.69 -34.96 34.01
N PRO B 78 -26.58 -35.65 34.74
CA PRO B 78 -27.34 -35.16 35.90
C PRO B 78 -26.60 -34.28 36.90
N LEU B 79 -25.47 -34.77 37.41
CA LEU B 79 -24.73 -34.00 38.41
C LEU B 79 -24.18 -32.69 37.87
N ARG B 80 -23.53 -32.74 36.72
CA ARG B 80 -22.95 -31.52 36.15
C ARG B 80 -23.96 -30.50 35.66
N ILE B 81 -25.02 -30.95 34.99
CA ILE B 81 -26.00 -29.98 34.53
C ILE B 81 -26.71 -29.37 35.74
N PHE B 82 -27.03 -30.17 36.75
CA PHE B 82 -27.71 -29.65 37.94
C PHE B 82 -26.85 -28.60 38.63
N ASN B 83 -25.55 -28.87 38.72
CA ASN B 83 -24.64 -27.93 39.38
C ASN B 83 -24.50 -26.60 38.64
N ALA B 84 -24.35 -26.64 37.32
CA ALA B 84 -24.24 -25.39 36.57
C ALA B 84 -25.56 -24.62 36.71
N TRP B 85 -26.67 -25.36 36.68
CA TRP B 85 -28.01 -24.80 36.83
C TRP B 85 -28.18 -24.12 38.20
N ARG B 86 -27.67 -24.78 39.25
CA ARG B 86 -27.73 -24.23 40.61
C ARG B 86 -26.88 -22.96 40.73
N GLN B 87 -25.71 -22.97 40.08
CA GLN B 87 -24.83 -21.80 40.10
C GLN B 87 -25.51 -20.61 39.44
N ALA B 88 -26.11 -20.84 38.27
CA ALA B 88 -26.79 -19.77 37.56
C ALA B 88 -28.00 -19.28 38.37
N ARG B 89 -28.72 -20.20 39.00
CA ARG B 89 -29.87 -19.81 39.82
C ARG B 89 -29.45 -18.91 40.97
N ALA B 90 -28.34 -19.23 41.63
CA ALA B 90 -27.85 -18.42 42.74
C ALA B 90 -27.51 -17.02 42.25
N ILE B 91 -26.88 -16.94 41.09
CA ILE B 91 -26.49 -15.66 40.51
C ILE B 91 -27.71 -14.80 40.18
N MET B 92 -28.76 -15.43 39.65
CA MET B 92 -29.96 -14.71 39.26
C MET B 92 -30.87 -14.38 40.44
N LYS B 93 -30.75 -15.14 41.52
CA LYS B 93 -31.56 -14.87 42.70
C LYS B 93 -30.94 -13.65 43.41
N ALA B 94 -29.63 -13.53 43.31
CA ALA B 94 -28.89 -12.42 43.92
C ALA B 94 -29.00 -11.14 43.07
N TYR B 95 -28.79 -11.27 41.77
CA TYR B 95 -28.86 -10.12 40.87
C TYR B 95 -30.31 -9.70 40.56
N LYS B 96 -31.22 -10.68 40.54
CA LYS B 96 -32.63 -10.43 40.25
C LYS B 96 -32.87 -9.67 38.95
N PRO B 97 -32.49 -10.26 37.81
CA PRO B 97 -32.70 -9.59 36.52
C PRO B 97 -34.17 -9.65 36.13
N ASP B 98 -34.63 -8.67 35.36
CA ASP B 98 -36.03 -8.64 34.93
C ASP B 98 -36.19 -9.43 33.64
N VAL B 99 -35.07 -9.70 33.00
CA VAL B 99 -35.08 -10.44 31.76
C VAL B 99 -33.66 -10.91 31.46
N VAL B 100 -33.54 -12.05 30.80
CA VAL B 100 -32.24 -12.56 30.45
C VAL B 100 -32.18 -12.70 28.95
N LEU B 101 -31.05 -12.29 28.37
CA LEU B 101 -30.84 -12.32 26.94
C LEU B 101 -29.75 -13.33 26.62
N GLY B 102 -30.06 -14.30 25.77
CA GLY B 102 -29.07 -15.29 25.36
C GLY B 102 -28.71 -15.03 23.91
N MET B 103 -27.44 -14.78 23.65
CA MET B 103 -26.99 -14.50 22.29
C MET B 103 -26.39 -15.75 21.65
N GLY B 104 -26.58 -16.88 22.31
CA GLY B 104 -26.04 -18.14 21.82
C GLY B 104 -24.84 -18.52 22.68
N GLY B 105 -24.31 -19.72 22.48
CA GLY B 105 -23.18 -20.15 23.28
C GLY B 105 -23.60 -21.14 24.34
N TYR B 106 -22.70 -22.05 24.70
CA TYR B 106 -23.02 -23.07 25.68
C TYR B 106 -23.39 -22.61 27.07
N VAL B 107 -22.80 -21.52 27.55
CA VAL B 107 -23.15 -21.04 28.88
C VAL B 107 -24.62 -20.64 28.99
N SER B 108 -25.22 -20.22 27.89
CA SER B 108 -26.62 -19.82 27.89
C SER B 108 -27.58 -20.99 28.17
N GLY B 109 -27.10 -22.21 28.00
CA GLY B 109 -27.94 -23.37 28.28
C GLY B 109 -28.35 -23.40 29.74
N PRO B 110 -27.39 -23.58 30.66
CA PRO B 110 -27.70 -23.60 32.09
C PRO B 110 -28.31 -22.25 32.53
N GLY B 111 -27.79 -21.17 31.96
CA GLY B 111 -28.29 -19.86 32.32
C GLY B 111 -29.76 -19.72 31.97
N GLY B 112 -30.11 -20.12 30.74
CA GLY B 112 -31.49 -20.04 30.30
C GLY B 112 -32.40 -20.92 31.13
N LEU B 113 -31.93 -22.13 31.44
CA LEU B 113 -32.71 -23.03 32.26
C LEU B 113 -32.92 -22.46 33.66
N ALA B 114 -31.93 -21.74 34.18
CA ALA B 114 -32.08 -21.15 35.51
C ALA B 114 -33.10 -20.01 35.49
N ALA B 115 -32.99 -19.13 34.50
CA ALA B 115 -33.92 -18.01 34.37
C ALA B 115 -35.34 -18.54 34.27
N TRP B 116 -35.54 -19.46 33.34
CA TRP B 116 -36.85 -20.07 33.12
C TRP B 116 -37.43 -20.65 34.42
N SER B 117 -36.65 -21.43 35.16
CA SER B 117 -37.14 -22.03 36.40
C SER B 117 -37.50 -20.99 37.45
N LEU B 118 -36.91 -19.80 37.36
CA LEU B 118 -37.18 -18.74 38.31
C LEU B 118 -38.30 -17.82 37.84
N GLY B 119 -38.85 -18.11 36.67
CA GLY B 119 -39.92 -17.28 36.14
C GLY B 119 -39.44 -16.01 35.46
N ILE B 120 -38.16 -15.97 35.10
CA ILE B 120 -37.58 -14.81 34.43
C ILE B 120 -37.67 -15.04 32.93
N PRO B 121 -38.31 -14.10 32.20
CA PRO B 121 -38.43 -14.28 30.77
C PRO B 121 -37.09 -14.36 30.05
N VAL B 122 -37.00 -15.30 29.12
CA VAL B 122 -35.78 -15.50 28.35
C VAL B 122 -35.97 -15.03 26.93
N VAL B 123 -35.05 -14.18 26.48
CA VAL B 123 -35.09 -13.66 25.12
C VAL B 123 -33.83 -14.17 24.43
N LEU B 124 -33.96 -14.68 23.21
CA LEU B 124 -32.78 -15.17 22.50
C LEU B 124 -32.59 -14.51 21.15
N HIS B 125 -31.34 -14.47 20.72
CA HIS B 125 -30.98 -13.93 19.42
C HIS B 125 -29.97 -14.90 18.80
N GLU B 126 -30.21 -15.29 17.56
CA GLU B 126 -29.31 -16.18 16.82
C GLU B 126 -28.72 -15.34 15.69
N GLN B 127 -27.39 -15.19 15.69
CA GLN B 127 -26.73 -14.38 14.66
C GLN B 127 -26.47 -15.11 13.36
N ASN B 128 -26.37 -16.43 13.42
CA ASN B 128 -26.06 -17.23 12.23
C ASN B 128 -27.22 -17.74 11.40
N GLY B 129 -26.91 -18.13 10.16
CA GLY B 129 -27.90 -18.66 9.25
C GLY B 129 -28.41 -20.02 9.69
N ILE B 130 -27.62 -20.68 10.52
CA ILE B 130 -27.98 -21.98 11.06
C ILE B 130 -27.98 -21.84 12.59
N ALA B 131 -29.03 -22.33 13.24
CA ALA B 131 -29.14 -22.22 14.68
C ALA B 131 -28.02 -22.96 15.42
N GLY B 132 -27.46 -22.31 16.43
CA GLY B 132 -26.41 -22.95 17.20
C GLY B 132 -27.01 -24.10 17.98
N LEU B 133 -26.19 -25.04 18.43
CA LEU B 133 -26.68 -26.19 19.18
C LEU B 133 -27.55 -25.81 20.39
N THR B 134 -27.05 -24.87 21.19
CA THR B 134 -27.76 -24.44 22.39
C THR B 134 -29.03 -23.64 22.12
N ASN B 135 -28.94 -22.64 21.24
CA ASN B 135 -30.10 -21.81 20.91
C ASN B 135 -31.25 -22.67 20.37
N LYS B 136 -30.91 -23.68 19.56
CA LYS B 136 -31.93 -24.53 18.97
C LYS B 136 -32.86 -25.18 20.00
N TRP B 137 -32.33 -25.68 21.11
CA TRP B 137 -33.20 -26.27 22.10
C TRP B 137 -33.69 -25.27 23.13
N LEU B 138 -32.87 -24.27 23.44
CA LEU B 138 -33.24 -23.27 24.43
C LEU B 138 -34.48 -22.49 23.96
N ALA B 139 -34.61 -22.36 22.64
CA ALA B 139 -35.73 -21.64 22.04
C ALA B 139 -37.09 -22.16 22.51
N LYS B 140 -37.12 -23.42 22.95
CA LYS B 140 -38.37 -24.03 23.41
C LYS B 140 -38.86 -23.58 24.79
N ILE B 141 -38.05 -22.83 25.52
CA ILE B 141 -38.46 -22.30 26.82
C ILE B 141 -38.32 -20.79 26.77
N ALA B 142 -37.97 -20.27 25.60
CA ALA B 142 -37.79 -18.83 25.43
C ALA B 142 -39.11 -18.10 25.22
N THR B 143 -39.21 -16.92 25.83
CA THR B 143 -40.40 -16.09 25.69
C THR B 143 -40.42 -15.44 24.31
N LYS B 144 -39.23 -15.09 23.83
CA LYS B 144 -39.09 -14.44 22.53
C LYS B 144 -37.78 -14.86 21.86
N VAL B 145 -37.89 -15.28 20.61
CA VAL B 145 -36.74 -15.73 19.83
C VAL B 145 -36.59 -14.87 18.58
N MET B 146 -35.39 -14.35 18.36
CA MET B 146 -35.09 -13.53 17.19
C MET B 146 -33.89 -14.14 16.48
N GLN B 147 -33.79 -13.93 15.17
CA GLN B 147 -32.69 -14.44 14.38
C GLN B 147 -32.26 -13.34 13.40
N ALA B 148 -30.97 -13.34 13.07
CA ALA B 148 -30.42 -12.34 12.17
C ALA B 148 -30.93 -12.51 10.75
N PHE B 149 -30.89 -13.74 10.25
CA PHE B 149 -31.35 -14.04 8.91
C PHE B 149 -32.50 -15.03 8.95
N PRO B 150 -33.29 -15.11 7.87
CA PRO B 150 -34.40 -16.06 7.88
C PRO B 150 -33.84 -17.46 7.62
N GLY B 151 -34.49 -18.49 8.14
CA GLY B 151 -34.00 -19.85 7.91
C GLY B 151 -33.40 -20.59 9.09
N ALA B 152 -32.80 -19.86 10.04
CA ALA B 152 -32.18 -20.49 11.20
C ALA B 152 -33.27 -21.16 12.04
N PHE B 153 -34.39 -20.47 12.18
CA PHE B 153 -35.57 -20.97 12.89
C PHE B 153 -36.73 -20.79 11.93
N PRO B 154 -37.73 -21.67 12.00
CA PRO B 154 -38.90 -21.60 11.12
C PRO B 154 -39.73 -20.30 11.20
N ASN B 155 -40.04 -19.85 12.41
CA ASN B 155 -40.86 -18.65 12.56
C ASN B 155 -40.32 -17.49 13.40
N ALA B 156 -39.05 -17.55 13.78
CA ALA B 156 -38.47 -16.47 14.59
C ALA B 156 -38.41 -15.16 13.82
N GLU B 157 -38.79 -14.06 14.48
CA GLU B 157 -38.76 -12.73 13.85
C GLU B 157 -37.32 -12.44 13.40
N VAL B 158 -37.18 -12.01 12.15
CA VAL B 158 -35.86 -11.69 11.59
C VAL B 158 -35.52 -10.23 11.90
N VAL B 159 -34.42 -10.02 12.60
CA VAL B 159 -34.02 -8.67 12.99
C VAL B 159 -32.61 -8.27 12.58
N GLY B 160 -31.88 -9.19 11.93
CA GLY B 160 -30.51 -8.91 11.52
C GLY B 160 -29.53 -8.86 12.68
N ASN B 161 -28.29 -8.46 12.40
CA ASN B 161 -27.25 -8.34 13.42
C ASN B 161 -26.82 -6.89 13.56
N PRO B 162 -26.30 -6.51 14.74
CA PRO B 162 -25.85 -5.14 14.93
C PRO B 162 -24.74 -4.85 13.93
N VAL B 163 -24.70 -3.64 13.40
CA VAL B 163 -23.68 -3.23 12.44
C VAL B 163 -23.03 -1.92 12.91
N ARG B 164 -21.74 -1.76 12.64
CA ARG B 164 -21.01 -0.55 13.00
C ARG B 164 -21.69 0.70 12.43
N THR B 165 -21.79 1.74 13.25
CA THR B 165 -22.43 2.98 12.85
C THR B 165 -21.81 3.63 11.62
N ASP B 166 -20.48 3.60 11.51
CA ASP B 166 -19.82 4.21 10.36
C ASP B 166 -20.18 3.49 9.05
N VAL B 167 -20.45 2.20 9.12
CA VAL B 167 -20.84 1.47 7.92
C VAL B 167 -22.30 1.81 7.61
N LEU B 168 -23.13 1.87 8.64
CA LEU B 168 -24.55 2.20 8.48
C LEU B 168 -24.71 3.58 7.87
N ALA B 169 -23.75 4.46 8.15
CA ALA B 169 -23.80 5.85 7.68
C ALA B 169 -23.43 6.02 6.22
N LEU B 170 -22.90 4.98 5.59
CA LEU B 170 -22.50 5.05 4.20
C LEU B 170 -23.66 5.41 3.26
N PRO B 171 -23.39 6.17 2.20
CA PRO B 171 -24.40 6.57 1.23
C PRO B 171 -24.94 5.31 0.56
N LEU B 172 -26.14 5.40 -0.01
CA LEU B 172 -26.72 4.24 -0.70
C LEU B 172 -25.83 3.91 -1.89
N PRO B 173 -25.91 2.67 -2.39
CA PRO B 173 -25.13 2.19 -3.54
C PRO B 173 -25.15 3.09 -4.79
N GLN B 174 -26.33 3.42 -5.30
CA GLN B 174 -26.40 4.25 -6.50
C GLN B 174 -25.60 5.55 -6.31
N GLN B 175 -25.76 6.20 -5.16
CA GLN B 175 -25.04 7.44 -4.91
C GLN B 175 -23.53 7.21 -4.84
N ARG B 176 -23.13 6.21 -4.07
CA ARG B 176 -21.71 5.89 -3.90
C ARG B 176 -21.00 5.49 -5.20
N LEU B 177 -21.69 4.75 -6.05
CA LEU B 177 -21.15 4.26 -7.31
C LEU B 177 -21.43 5.16 -8.52
N ALA B 178 -22.17 6.24 -8.30
CA ALA B 178 -22.54 7.16 -9.38
C ALA B 178 -21.37 7.71 -10.20
N GLY B 179 -21.46 7.50 -11.51
CA GLY B 179 -20.45 7.98 -12.45
C GLY B 179 -19.10 7.32 -12.35
N ARG B 180 -19.01 6.28 -11.53
CA ARG B 180 -17.76 5.59 -11.36
C ARG B 180 -17.41 4.76 -12.60
N GLU B 181 -16.21 4.97 -13.11
CA GLU B 181 -15.75 4.23 -14.28
C GLU B 181 -14.34 3.74 -13.94
N GLY B 182 -13.74 2.98 -14.84
CA GLY B 182 -12.40 2.49 -14.54
C GLY B 182 -12.44 1.10 -13.95
N PRO B 183 -11.28 0.51 -13.61
CA PRO B 183 -11.15 -0.83 -13.05
C PRO B 183 -12.04 -1.13 -11.85
N VAL B 184 -12.60 -2.33 -11.84
CA VAL B 184 -13.44 -2.77 -10.74
C VAL B 184 -12.52 -2.82 -9.54
N ARG B 185 -12.94 -2.13 -8.46
CA ARG B 185 -12.17 -2.04 -7.22
C ARG B 185 -12.49 -3.23 -6.32
N VAL B 186 -11.51 -4.12 -6.17
CA VAL B 186 -11.67 -5.31 -5.37
C VAL B 186 -11.01 -5.19 -4.01
N LEU B 187 -11.82 -5.32 -2.96
CA LEU B 187 -11.32 -5.25 -1.59
C LEU B 187 -11.23 -6.66 -1.03
N VAL B 188 -10.01 -7.11 -0.70
CA VAL B 188 -9.79 -8.43 -0.12
C VAL B 188 -9.60 -8.28 1.40
N VAL B 189 -10.51 -8.86 2.18
CA VAL B 189 -10.48 -8.75 3.63
C VAL B 189 -10.21 -10.11 4.31
N GLY B 190 -9.13 -10.18 5.07
CA GLY B 190 -8.77 -11.42 5.75
C GLY B 190 -8.94 -11.40 7.25
N GLY B 191 -9.21 -10.22 7.80
CA GLY B 191 -9.38 -10.10 9.24
C GLY B 191 -8.04 -9.91 9.93
N SER B 192 -8.08 -9.71 11.25
CA SER B 192 -6.85 -9.49 12.03
C SER B 192 -5.77 -10.54 11.77
N GLN B 193 -6.14 -11.81 11.74
CA GLN B 193 -5.18 -12.88 11.51
C GLN B 193 -4.90 -13.10 10.03
N GLY B 194 -5.81 -12.60 9.19
CA GLY B 194 -5.64 -12.77 7.75
C GLY B 194 -6.23 -14.07 7.27
N ALA B 195 -6.49 -14.17 5.97
CA ALA B 195 -7.04 -15.38 5.37
C ALA B 195 -5.97 -15.99 4.47
N ARG B 196 -5.36 -17.07 4.93
CA ARG B 196 -4.29 -17.74 4.20
C ARG B 196 -4.60 -18.00 2.73
N ILE B 197 -5.75 -18.61 2.47
CA ILE B 197 -6.15 -18.94 1.10
C ILE B 197 -6.29 -17.68 0.21
N LEU B 198 -6.75 -16.57 0.79
CA LEU B 198 -6.89 -15.34 0.02
C LEU B 198 -5.52 -14.73 -0.26
N ASN B 199 -4.63 -14.76 0.73
CA ASN B 199 -3.29 -14.23 0.54
C ASN B 199 -2.55 -14.99 -0.54
N GLN B 200 -2.91 -16.26 -0.71
CA GLN B 200 -2.28 -17.11 -1.73
C GLN B 200 -2.98 -17.04 -3.08
N THR B 201 -4.30 -16.94 -3.07
CA THR B 201 -5.05 -16.91 -4.30
C THR B 201 -5.13 -15.59 -5.07
N MET B 202 -5.44 -14.50 -4.38
CA MET B 202 -5.59 -13.22 -5.07
C MET B 202 -4.42 -12.72 -5.93
N PRO B 203 -3.16 -12.93 -5.50
CA PRO B 203 -2.08 -12.44 -6.37
C PRO B 203 -2.14 -13.09 -7.77
N GLN B 204 -2.47 -14.37 -7.83
CA GLN B 204 -2.55 -15.08 -9.10
C GLN B 204 -3.81 -14.62 -9.86
N VAL B 205 -4.85 -14.27 -9.12
CA VAL B 205 -6.06 -13.76 -9.74
C VAL B 205 -5.72 -12.45 -10.42
N ALA B 206 -4.91 -11.62 -9.76
CA ALA B 206 -4.51 -10.33 -10.30
C ALA B 206 -3.73 -10.49 -11.61
N ALA B 207 -2.89 -11.52 -11.68
CA ALA B 207 -2.11 -11.77 -12.88
C ALA B 207 -3.04 -12.10 -14.04
N LYS B 208 -4.12 -12.81 -13.76
CA LYS B 208 -5.06 -13.19 -14.79
C LYS B 208 -5.98 -12.06 -15.24
N LEU B 209 -6.37 -11.20 -14.30
CA LEU B 209 -7.27 -10.10 -14.63
C LEU B 209 -6.58 -8.79 -15.07
N GLY B 210 -5.28 -8.66 -14.79
CA GLY B 210 -4.56 -7.47 -15.20
C GLY B 210 -5.23 -6.13 -14.92
N ASP B 211 -5.25 -5.27 -15.94
CA ASP B 211 -5.82 -3.92 -15.88
C ASP B 211 -7.31 -3.79 -15.55
N SER B 212 -8.04 -4.89 -15.62
CA SER B 212 -9.48 -4.86 -15.37
C SER B 212 -9.88 -4.66 -13.90
N VAL B 213 -8.95 -4.84 -12.98
CA VAL B 213 -9.26 -4.63 -11.57
C VAL B 213 -8.13 -3.90 -10.86
N THR B 214 -8.50 -3.24 -9.76
CA THR B 214 -7.55 -2.56 -8.91
C THR B 214 -7.90 -3.14 -7.55
N ILE B 215 -6.88 -3.62 -6.86
CA ILE B 215 -7.06 -4.30 -5.59
C ILE B 215 -6.46 -3.62 -4.38
N TRP B 216 -7.16 -3.79 -3.25
CA TRP B 216 -6.70 -3.31 -1.95
C TRP B 216 -6.84 -4.60 -1.16
N HIS B 217 -5.70 -5.20 -0.83
CA HIS B 217 -5.65 -6.47 -0.13
C HIS B 217 -5.19 -6.31 1.32
N GLN B 218 -6.01 -6.78 2.26
CA GLN B 218 -5.67 -6.72 3.68
C GLN B 218 -5.19 -8.12 4.09
N SER B 219 -3.88 -8.26 4.22
CA SER B 219 -3.21 -9.53 4.51
C SER B 219 -3.31 -10.17 5.90
N GLY B 220 -3.53 -9.36 6.93
CA GLY B 220 -3.57 -9.90 8.27
C GLY B 220 -2.23 -9.65 8.92
N LYS B 221 -2.15 -9.84 10.24
CA LYS B 221 -0.91 -9.59 10.98
C LYS B 221 0.33 -10.32 10.46
N GLY B 222 1.39 -9.55 10.24
CA GLY B 222 2.65 -10.10 9.77
C GLY B 222 2.70 -10.68 8.36
N SER B 223 1.64 -10.50 7.57
CA SER B 223 1.62 -11.04 6.21
C SER B 223 1.68 -9.97 5.12
N GLN B 224 1.82 -8.72 5.54
CA GLN B 224 1.88 -7.60 4.61
C GLN B 224 3.02 -7.77 3.60
N GLN B 225 4.21 -8.05 4.10
CA GLN B 225 5.39 -8.22 3.26
C GLN B 225 5.32 -9.36 2.23
N SER B 226 4.85 -10.52 2.65
CA SER B 226 4.78 -11.66 1.73
C SER B 226 3.72 -11.50 0.64
N VAL B 227 2.58 -10.89 0.98
CA VAL B 227 1.53 -10.68 -0.01
C VAL B 227 2.01 -9.61 -1.01
N GLU B 228 2.62 -8.56 -0.49
CA GLU B 228 3.14 -7.47 -1.33
C GLU B 228 4.12 -8.09 -2.34
N GLN B 229 4.93 -9.02 -1.86
CA GLN B 229 5.90 -9.70 -2.72
C GLN B 229 5.19 -10.58 -3.74
N ALA B 230 4.14 -11.28 -3.29
CA ALA B 230 3.39 -12.15 -4.20
C ALA B 230 2.81 -11.35 -5.36
N TYR B 231 2.28 -10.16 -5.09
CA TYR B 231 1.71 -9.34 -6.14
C TYR B 231 2.79 -8.89 -7.13
N ALA B 232 3.97 -8.54 -6.62
CA ALA B 232 5.06 -8.10 -7.50
C ALA B 232 5.49 -9.28 -8.38
N GLU B 233 5.59 -10.46 -7.78
CA GLU B 233 5.98 -11.66 -8.52
C GLU B 233 4.92 -12.00 -9.58
N ALA B 234 3.67 -11.64 -9.32
CA ALA B 234 2.59 -11.92 -10.26
C ALA B 234 2.59 -10.86 -11.36
N GLY B 235 3.47 -9.88 -11.23
CA GLY B 235 3.56 -8.82 -12.22
C GLY B 235 2.55 -7.70 -12.08
N GLN B 236 1.93 -7.59 -10.90
CA GLN B 236 0.95 -6.53 -10.64
C GLN B 236 1.32 -5.86 -9.32
N PRO B 237 2.51 -5.25 -9.26
CA PRO B 237 3.00 -4.58 -8.07
C PRO B 237 2.24 -3.34 -7.60
N GLN B 238 1.46 -2.74 -8.49
CA GLN B 238 0.70 -1.53 -8.17
C GLN B 238 -0.43 -1.71 -7.17
N HIS B 239 -0.88 -2.94 -6.95
CA HIS B 239 -1.98 -3.15 -6.02
C HIS B 239 -1.58 -2.79 -4.59
N LYS B 240 -2.53 -2.27 -3.83
CA LYS B 240 -2.32 -1.85 -2.45
C LYS B 240 -2.48 -3.00 -1.46
N VAL B 241 -1.49 -3.19 -0.60
CA VAL B 241 -1.54 -4.23 0.40
C VAL B 241 -1.28 -3.65 1.79
N THR B 242 -2.21 -3.84 2.71
CA THR B 242 -2.04 -3.34 4.06
C THR B 242 -2.22 -4.51 5.03
N GLU B 243 -1.52 -4.44 6.16
CA GLU B 243 -1.62 -5.49 7.17
C GLU B 243 -3.04 -5.53 7.72
N PHE B 244 -3.58 -4.35 8.01
CA PHE B 244 -4.92 -4.20 8.56
C PHE B 244 -5.65 -3.07 7.84
N ILE B 245 -6.89 -2.85 8.26
CA ILE B 245 -7.70 -1.76 7.76
C ILE B 245 -8.45 -1.31 9.00
N ASP B 246 -8.07 -0.16 9.54
CA ASP B 246 -8.73 0.33 10.73
C ASP B 246 -10.09 0.93 10.41
N ASP B 247 -10.18 1.59 9.26
CA ASP B 247 -11.43 2.23 8.83
C ASP B 247 -12.09 1.40 7.75
N MET B 248 -12.83 0.37 8.15
CA MET B 248 -13.52 -0.49 7.20
C MET B 248 -14.58 0.28 6.41
N ALA B 249 -15.21 1.25 7.06
CA ALA B 249 -16.23 2.05 6.40
C ALA B 249 -15.62 2.78 5.19
N ALA B 250 -14.42 3.32 5.36
CA ALA B 250 -13.76 4.03 4.28
C ALA B 250 -13.37 3.06 3.14
N ALA B 251 -12.96 1.85 3.51
CA ALA B 251 -12.57 0.87 2.49
C ALA B 251 -13.82 0.37 1.73
N TYR B 252 -14.91 0.16 2.46
CA TYR B 252 -16.17 -0.29 1.86
C TYR B 252 -16.73 0.76 0.89
N ALA B 253 -16.55 2.03 1.23
CA ALA B 253 -17.02 3.14 0.40
C ALA B 253 -16.27 3.19 -0.92
N TRP B 254 -14.99 2.80 -0.87
CA TRP B 254 -14.15 2.80 -2.07
C TRP B 254 -14.42 1.60 -2.99
N ALA B 255 -14.60 0.45 -2.37
CA ALA B 255 -14.79 -0.80 -3.11
C ALA B 255 -16.00 -0.95 -4.01
N ASP B 256 -15.87 -1.82 -4.99
CA ASP B 256 -16.95 -2.16 -5.93
C ASP B 256 -17.45 -3.54 -5.52
N VAL B 257 -16.52 -4.35 -5.01
CA VAL B 257 -16.82 -5.72 -4.62
C VAL B 257 -15.85 -6.17 -3.52
N VAL B 258 -16.33 -7.01 -2.62
CA VAL B 258 -15.50 -7.50 -1.52
C VAL B 258 -15.30 -9.01 -1.62
N VAL B 259 -14.09 -9.46 -1.32
CA VAL B 259 -13.77 -10.89 -1.30
C VAL B 259 -13.39 -11.16 0.14
N CYS B 260 -14.16 -12.01 0.82
CA CYS B 260 -13.90 -12.29 2.23
C CYS B 260 -14.67 -13.50 2.75
N ARG B 261 -14.38 -13.87 3.99
CA ARG B 261 -15.05 -14.97 4.67
C ARG B 261 -16.44 -14.45 5.02
N SER B 262 -17.30 -15.35 5.51
CA SER B 262 -18.65 -14.96 5.83
C SER B 262 -19.12 -15.19 7.26
N GLY B 263 -18.42 -14.59 8.22
CA GLY B 263 -18.86 -14.70 9.59
C GLY B 263 -20.21 -13.99 9.58
N ALA B 264 -21.05 -14.27 10.58
CA ALA B 264 -22.38 -13.67 10.62
C ALA B 264 -22.38 -12.14 10.66
N LEU B 265 -21.58 -11.55 11.52
CA LEU B 265 -21.52 -10.10 11.62
C LEU B 265 -20.97 -9.48 10.35
N THR B 266 -20.06 -10.19 9.70
CA THR B 266 -19.46 -9.72 8.46
C THR B 266 -20.50 -9.67 7.33
N VAL B 267 -21.32 -10.70 7.23
CA VAL B 267 -22.35 -10.73 6.21
C VAL B 267 -23.33 -9.56 6.43
N SER B 268 -23.71 -9.33 7.68
CA SER B 268 -24.63 -8.22 7.99
C SER B 268 -24.01 -6.87 7.67
N GLU B 269 -22.72 -6.74 7.95
CA GLU B 269 -21.99 -5.51 7.70
C GLU B 269 -21.93 -5.23 6.19
N ILE B 270 -21.66 -6.28 5.42
CA ILE B 270 -21.60 -6.19 3.97
C ILE B 270 -22.95 -5.75 3.39
N ALA B 271 -24.03 -6.35 3.89
CA ALA B 271 -25.38 -6.02 3.43
C ALA B 271 -25.68 -4.54 3.70
N ALA B 272 -25.32 -4.09 4.90
CA ALA B 272 -25.55 -2.71 5.31
C ALA B 272 -24.73 -1.74 4.47
N ALA B 273 -23.51 -2.16 4.10
CA ALA B 273 -22.65 -1.32 3.28
C ALA B 273 -23.19 -1.24 1.85
N GLY B 274 -24.02 -2.20 1.48
CA GLY B 274 -24.56 -2.23 0.14
C GLY B 274 -23.48 -2.60 -0.85
N LEU B 275 -22.73 -3.66 -0.54
CA LEU B 275 -21.65 -4.09 -1.41
C LEU B 275 -21.78 -5.52 -1.91
N PRO B 276 -21.44 -5.75 -3.19
CA PRO B 276 -21.53 -7.10 -3.74
C PRO B 276 -20.35 -7.85 -3.11
N ALA B 277 -20.51 -9.15 -2.88
CA ALA B 277 -19.41 -9.90 -2.29
C ALA B 277 -19.22 -11.27 -2.92
N LEU B 278 -17.98 -11.73 -2.87
CA LEU B 278 -17.64 -13.07 -3.34
C LEU B 278 -17.19 -13.66 -2.01
N PHE B 279 -18.07 -14.45 -1.41
CA PHE B 279 -17.80 -15.07 -0.13
C PHE B 279 -17.06 -16.40 -0.21
N VAL B 280 -16.02 -16.53 0.59
CA VAL B 280 -15.22 -17.75 0.67
C VAL B 280 -15.42 -18.27 2.10
N PRO B 281 -16.53 -18.98 2.33
CA PRO B 281 -16.88 -19.54 3.63
C PRO B 281 -15.78 -20.43 4.20
N PHE B 282 -15.54 -20.29 5.50
CA PHE B 282 -14.56 -21.12 6.17
C PHE B 282 -15.18 -22.51 6.21
N GLN B 283 -14.45 -23.53 5.76
CA GLN B 283 -15.02 -24.88 5.74
C GLN B 283 -15.14 -25.49 7.13
N HIS B 284 -16.22 -26.24 7.32
CA HIS B 284 -16.50 -26.92 8.57
C HIS B 284 -17.71 -27.82 8.36
N LYS B 285 -17.70 -29.00 8.97
CA LYS B 285 -18.79 -29.95 8.81
C LYS B 285 -20.15 -29.28 9.03
N ASP B 286 -20.16 -28.25 9.87
CA ASP B 286 -21.37 -27.51 10.16
C ASP B 286 -21.69 -26.51 9.05
N ARG B 287 -20.64 -26.03 8.37
CA ARG B 287 -20.78 -25.08 7.27
C ARG B 287 -21.52 -23.83 7.71
N GLN B 288 -21.29 -23.43 8.96
CA GLN B 288 -21.94 -22.25 9.50
C GLN B 288 -21.82 -21.03 8.59
N GLN B 289 -20.59 -20.71 8.19
CA GLN B 289 -20.36 -19.56 7.33
C GLN B 289 -21.03 -19.70 5.97
N TYR B 290 -21.16 -20.93 5.49
CA TYR B 290 -21.83 -21.13 4.23
C TYR B 290 -23.28 -20.69 4.42
N TRP B 291 -23.91 -21.14 5.50
CA TRP B 291 -25.30 -20.78 5.77
C TRP B 291 -25.47 -19.30 6.03
N ASN B 292 -24.42 -18.65 6.53
CA ASN B 292 -24.50 -17.20 6.80
C ASN B 292 -24.54 -16.40 5.51
N ALA B 293 -23.81 -16.87 4.50
CA ALA B 293 -23.73 -16.18 3.21
C ALA B 293 -24.86 -16.51 2.25
N LEU B 294 -25.45 -17.69 2.41
CA LEU B 294 -26.53 -18.14 1.55
C LEU B 294 -27.65 -17.12 1.34
N PRO B 295 -28.10 -16.46 2.41
CA PRO B 295 -29.18 -15.47 2.24
C PRO B 295 -28.83 -14.41 1.19
N LEU B 296 -27.62 -13.87 1.25
CA LEU B 296 -27.20 -12.86 0.29
C LEU B 296 -27.06 -13.44 -1.11
N GLU B 297 -26.59 -14.67 -1.22
CA GLU B 297 -26.44 -15.29 -2.54
C GLU B 297 -27.83 -15.53 -3.14
N LYS B 298 -28.77 -15.96 -2.30
CA LYS B 298 -30.14 -16.21 -2.74
C LYS B 298 -30.79 -14.93 -3.25
N ALA B 299 -30.43 -13.81 -2.64
CA ALA B 299 -30.97 -12.51 -3.04
C ALA B 299 -30.26 -11.95 -4.27
N GLY B 300 -29.27 -12.69 -4.78
CA GLY B 300 -28.54 -12.24 -5.94
C GLY B 300 -27.60 -11.07 -5.64
N ALA B 301 -27.14 -10.99 -4.39
CA ALA B 301 -26.24 -9.90 -3.98
C ALA B 301 -24.80 -10.39 -3.82
N ALA B 302 -24.60 -11.70 -3.87
CA ALA B 302 -23.27 -12.26 -3.69
C ALA B 302 -23.13 -13.64 -4.32
N LYS B 303 -21.89 -14.12 -4.38
CA LYS B 303 -21.62 -15.46 -4.91
C LYS B 303 -20.76 -16.20 -3.90
N ILE B 304 -21.17 -17.42 -3.58
CA ILE B 304 -20.44 -18.24 -2.62
C ILE B 304 -19.58 -19.26 -3.33
N ILE B 305 -18.32 -19.34 -2.93
CA ILE B 305 -17.42 -20.34 -3.49
C ILE B 305 -16.83 -21.07 -2.30
N GLU B 306 -17.43 -22.22 -1.98
CA GLU B 306 -16.96 -23.03 -0.86
C GLU B 306 -15.61 -23.62 -1.22
N GLN B 307 -14.92 -24.12 -0.20
CA GLN B 307 -13.60 -24.71 -0.41
C GLN B 307 -13.53 -25.72 -1.55
N PRO B 308 -14.53 -26.61 -1.67
CA PRO B 308 -14.55 -27.63 -2.73
C PRO B 308 -14.52 -27.10 -4.17
N GLN B 309 -14.74 -25.80 -4.34
CA GLN B 309 -14.74 -25.21 -5.68
C GLN B 309 -13.82 -24.01 -5.81
N LEU B 310 -13.07 -23.70 -4.74
CA LEU B 310 -12.18 -22.55 -4.75
C LEU B 310 -10.91 -22.79 -5.55
N SER B 311 -10.61 -21.86 -6.46
CA SER B 311 -9.41 -21.95 -7.29
C SER B 311 -9.17 -20.57 -7.86
N VAL B 312 -7.98 -20.36 -8.40
CA VAL B 312 -7.63 -19.08 -9.01
C VAL B 312 -8.61 -18.79 -10.15
N ASP B 313 -8.81 -19.78 -11.03
CA ASP B 313 -9.71 -19.59 -12.15
C ASP B 313 -11.16 -19.33 -11.75
N ALA B 314 -11.62 -19.97 -10.67
CA ALA B 314 -12.99 -19.78 -10.23
C ALA B 314 -13.19 -18.33 -9.78
N VAL B 315 -12.24 -17.83 -8.98
CA VAL B 315 -12.31 -16.45 -8.49
C VAL B 315 -12.19 -15.48 -9.67
N ALA B 316 -11.16 -15.67 -10.49
CA ALA B 316 -10.94 -14.80 -11.63
C ALA B 316 -12.14 -14.77 -12.57
N ASN B 317 -12.69 -15.94 -12.92
CA ASN B 317 -13.84 -15.98 -13.80
C ASN B 317 -15.06 -15.32 -13.19
N THR B 318 -15.23 -15.52 -11.89
CA THR B 318 -16.37 -14.93 -11.18
C THR B 318 -16.30 -13.41 -11.25
N LEU B 319 -15.16 -12.85 -10.88
CA LEU B 319 -15.03 -11.39 -10.90
C LEU B 319 -15.12 -10.84 -12.32
N ALA B 320 -14.50 -11.50 -13.28
CA ALA B 320 -14.54 -11.05 -14.67
C ALA B 320 -15.94 -10.99 -15.25
N GLY B 321 -16.84 -11.79 -14.71
CA GLY B 321 -18.19 -11.82 -15.21
C GLY B 321 -19.11 -10.74 -14.68
N TRP B 322 -18.61 -9.91 -13.77
CA TRP B 322 -19.44 -8.86 -13.18
C TRP B 322 -19.14 -7.44 -13.69
N SER B 323 -20.01 -6.94 -14.57
CA SER B 323 -19.86 -5.60 -15.12
C SER B 323 -20.28 -4.58 -14.06
N ARG B 324 -20.04 -3.30 -14.35
CA ARG B 324 -20.43 -2.25 -13.42
C ARG B 324 -21.95 -2.22 -13.23
N GLU B 325 -22.72 -2.52 -14.28
CA GLU B 325 -24.17 -2.56 -14.17
C GLU B 325 -24.60 -3.70 -13.25
N THR B 326 -24.00 -4.86 -13.44
CA THR B 326 -24.31 -6.01 -12.61
C THR B 326 -23.95 -5.73 -11.14
N LEU B 327 -22.78 -5.13 -10.94
CA LEU B 327 -22.31 -4.80 -9.59
C LEU B 327 -23.23 -3.82 -8.87
N LEU B 328 -23.76 -2.85 -9.62
CA LEU B 328 -24.69 -1.89 -9.03
C LEU B 328 -25.95 -2.63 -8.57
N THR B 329 -26.45 -3.52 -9.42
CA THR B 329 -27.63 -4.32 -9.04
C THR B 329 -27.35 -5.17 -7.81
N MET B 330 -26.18 -5.81 -7.77
CA MET B 330 -25.82 -6.64 -6.64
C MET B 330 -25.72 -5.81 -5.37
N ALA B 331 -25.15 -4.63 -5.50
CA ALA B 331 -25.00 -3.73 -4.35
C ALA B 331 -26.37 -3.36 -3.80
N GLU B 332 -27.31 -3.03 -4.69
CA GLU B 332 -28.64 -2.65 -4.25
C GLU B 332 -29.36 -3.81 -3.58
N ARG B 333 -29.19 -5.01 -4.12
CA ARG B 333 -29.81 -6.18 -3.52
C ARG B 333 -29.21 -6.41 -2.13
N ALA B 334 -27.93 -6.10 -1.98
CA ALA B 334 -27.27 -6.27 -0.68
C ALA B 334 -27.92 -5.31 0.33
N ARG B 335 -28.00 -4.03 -0.05
CA ARG B 335 -28.58 -3.03 0.81
C ARG B 335 -30.01 -3.43 1.18
N ALA B 336 -30.76 -3.92 0.21
CA ALA B 336 -32.14 -4.33 0.42
C ALA B 336 -32.28 -5.49 1.39
N ALA B 337 -31.29 -6.37 1.42
CA ALA B 337 -31.31 -7.52 2.32
C ALA B 337 -30.84 -7.14 3.71
N SER B 338 -30.38 -5.89 3.85
CA SER B 338 -29.89 -5.38 5.12
C SER B 338 -30.99 -4.92 6.09
N ILE B 339 -30.68 -5.00 7.37
CA ILE B 339 -31.57 -4.56 8.44
C ILE B 339 -30.68 -3.69 9.31
N PRO B 340 -30.73 -2.36 9.11
CA PRO B 340 -29.96 -1.32 9.82
C PRO B 340 -30.12 -1.11 11.31
N ASP B 341 -31.30 -1.39 11.85
CA ASP B 341 -31.54 -1.15 13.28
C ASP B 341 -31.70 -2.43 14.11
N ALA B 342 -30.88 -3.43 13.80
CA ALA B 342 -30.94 -4.69 14.52
C ALA B 342 -30.75 -4.47 16.02
N THR B 343 -29.78 -3.65 16.40
CA THR B 343 -29.53 -3.41 17.81
C THR B 343 -30.76 -2.83 18.51
N GLU B 344 -31.35 -1.78 17.94
CA GLU B 344 -32.54 -1.17 18.54
C GLU B 344 -33.69 -2.18 18.62
N ARG B 345 -33.89 -2.94 17.55
CA ARG B 345 -34.96 -3.93 17.52
C ARG B 345 -34.83 -4.98 18.64
N VAL B 346 -33.63 -5.48 18.86
CA VAL B 346 -33.42 -6.47 19.90
C VAL B 346 -33.64 -5.84 21.27
N ALA B 347 -33.08 -4.66 21.47
CA ALA B 347 -33.22 -3.95 22.73
C ALA B 347 -34.69 -3.64 23.02
N ASN B 348 -35.44 -3.28 22.00
CA ASN B 348 -36.87 -2.98 22.16
C ASN B 348 -37.68 -4.21 22.54
N GLU B 349 -37.31 -5.37 21.96
CA GLU B 349 -38.01 -6.61 22.29
C GLU B 349 -37.67 -7.06 23.70
N VAL B 350 -36.43 -6.84 24.09
CA VAL B 350 -35.98 -7.20 25.43
C VAL B 350 -36.71 -6.29 26.42
N SER B 351 -36.96 -5.06 26.01
CA SER B 351 -37.66 -4.11 26.86
C SER B 351 -39.13 -4.50 26.98
N ARG B 352 -39.72 -4.90 25.86
CA ARG B 352 -41.13 -5.29 25.86
C ARG B 352 -41.38 -6.55 26.68
N VAL B 353 -40.45 -7.50 26.60
CA VAL B 353 -40.57 -8.76 27.34
C VAL B 353 -40.36 -8.57 28.84
N ALA B 354 -39.50 -7.63 29.21
CA ALA B 354 -39.26 -7.34 30.61
C ALA B 354 -40.53 -6.66 31.15
N ARG B 355 -41.23 -5.97 30.26
CA ARG B 355 -42.47 -5.28 30.60
C ARG B 355 -43.59 -6.32 30.72
N ALA B 356 -43.28 -7.54 30.30
CA ALA B 356 -44.23 -8.65 30.33
C ALA B 356 -45.41 -8.35 29.41
N LEU B 357 -45.18 -7.51 28.41
CA LEU B 357 -46.21 -7.12 27.45
C LEU B 357 -46.46 -8.22 26.42
#